data_3UX9
#
_entry.id   3UX9
#
_cell.length_a   236.225
_cell.length_b   91.945
_cell.length_c   43.633
_cell.angle_alpha   90.00
_cell.angle_beta   99.75
_cell.angle_gamma   90.00
#
_symmetry.space_group_name_H-M   'C 1 2 1'
#
loop_
_entity.id
_entity.type
_entity.pdbx_description
1 polymer 'Interferon alpha-1/13'
2 polymer 'ScFv antibody'
3 water water
#
loop_
_entity_poly.entity_id
_entity_poly.type
_entity_poly.pdbx_seq_one_letter_code
_entity_poly.pdbx_strand_id
1 'polypeptide(L)'
;SNACDLPETHSLDNRRTLMLLAQMSRISPSSCLMDRHDFGFPQEEFDGNQFQKAPAISVLHELIQQIFNLFTTKDSSAAW
DEDLLDKFCTELYQQLNDLEACVMQEERVGETPLMNADSILAVKKYFRRITLYLTEKKYSPCAWEVVRAEIMRSLSLSTN
LQERLRRKE
;
A,C
2 'polypeptide(L)'
;MADIVLTQPPSVSGAPGQRVTISCSGSSSNIGSNYVSWYQQLPGTAPKLLIYDNNQRPSGVPDRFSGSKSGTSASLAITG
LQSEDEADYYCQVRDNNENEWVFGGGTKLTVLGSGGSTITSYNVYYTKLSSSGSEVQLVESGGGLVQPGGSLRLSCAASG
FTFSSYAMSWVRQAPGKGLEWVSAISGSGGSTYYADSVKGRFTISRDNSKNTLYLQMNSLRAEDTAVYYCARYIDFGDHM
DFWGQGTLVTVSSLEH
;
B,D
#
# COMPACT_ATOMS: atom_id res chain seq x y z
N LEU A 12 27.98 -3.34 -10.13
CA LEU A 12 28.68 -2.44 -9.22
C LEU A 12 27.72 -1.49 -8.56
N ASP A 13 26.73 -1.05 -9.32
CA ASP A 13 25.72 -0.19 -8.76
C ASP A 13 24.37 -0.83 -8.83
N ASN A 14 24.03 -1.55 -7.77
CA ASN A 14 22.83 -2.35 -7.73
C ASN A 14 21.59 -1.66 -7.32
N ARG A 15 21.58 -0.35 -7.40
CA ARG A 15 20.40 0.37 -6.98
C ARG A 15 19.21 -0.04 -7.81
N ARG A 16 19.33 0.19 -9.10
CA ARG A 16 18.31 -0.15 -10.09
C ARG A 16 17.79 -1.58 -9.97
N THR A 17 18.72 -2.52 -9.85
CA THR A 17 18.36 -3.92 -9.69
C THR A 17 17.56 -4.10 -8.41
N LEU A 18 18.08 -3.54 -7.32
CA LEU A 18 17.41 -3.64 -6.04
C LEU A 18 15.99 -3.11 -6.11
N MET A 19 15.79 -1.97 -6.76
CA MET A 19 14.45 -1.44 -6.93
C MET A 19 13.52 -2.39 -7.69
N LEU A 20 13.95 -2.83 -8.86
CA LEU A 20 13.14 -3.74 -9.65
C LEU A 20 12.78 -4.98 -8.84
N LEU A 21 13.74 -5.44 -8.04
CA LEU A 21 13.52 -6.65 -7.24
C LEU A 21 12.44 -6.45 -6.18
N ALA A 22 12.51 -5.31 -5.49
CA ALA A 22 11.54 -5.01 -4.46
C ALA A 22 10.18 -4.92 -5.11
N GLN A 23 10.14 -4.54 -6.37
CA GLN A 23 8.88 -4.38 -7.05
C GLN A 23 8.34 -5.65 -7.66
N MET A 24 9.17 -6.65 -7.83
CA MET A 24 8.74 -7.90 -8.42
C MET A 24 7.92 -8.73 -7.47
N SER A 25 7.82 -8.27 -6.22
CA SER A 25 7.15 -9.08 -5.22
C SER A 25 5.68 -9.29 -5.55
N ARG A 26 5.19 -10.49 -5.27
CA ARG A 26 3.82 -10.87 -5.62
C ARG A 26 3.02 -11.28 -4.37
N ILE A 27 3.72 -11.91 -3.44
CA ILE A 27 3.15 -12.35 -2.17
C ILE A 27 3.80 -11.50 -1.08
N SER A 28 3.18 -11.40 0.08
CA SER A 28 3.84 -10.71 1.17
C SER A 28 4.66 -11.70 1.98
N PRO A 29 5.92 -11.35 2.24
CA PRO A 29 6.78 -12.19 3.07
C PRO A 29 6.12 -12.48 4.41
N SER A 30 5.18 -11.61 4.81
CA SER A 30 4.51 -11.75 6.10
C SER A 30 3.54 -12.93 6.09
N SER A 31 3.40 -13.55 4.93
CA SER A 31 2.55 -14.73 4.75
C SER A 31 3.40 -15.99 4.63
N CYS A 32 4.70 -15.80 4.51
CA CYS A 32 5.63 -16.90 4.32
C CYS A 32 6.49 -17.07 5.53
N LEU A 33 5.86 -17.29 6.68
CA LEU A 33 6.60 -17.30 7.95
C LEU A 33 7.46 -18.55 8.20
N MET A 34 7.27 -19.58 7.39
CA MET A 34 8.04 -20.80 7.60
C MET A 34 8.82 -21.18 6.36
N ASP A 35 9.29 -20.19 5.64
CA ASP A 35 9.94 -20.45 4.35
C ASP A 35 11.38 -19.94 4.23
N ARG A 36 11.68 -18.84 4.91
CA ARG A 36 13.01 -18.24 4.79
C ARG A 36 14.12 -19.21 5.18
N HIS A 37 15.27 -19.03 4.55
CA HIS A 37 16.40 -19.91 4.72
C HIS A 37 17.70 -19.11 4.61
N ASP A 38 18.68 -19.42 5.47
CA ASP A 38 19.99 -18.78 5.40
C ASP A 38 20.88 -19.57 4.44
N PHE A 39 21.24 -18.96 3.32
CA PHE A 39 21.88 -19.72 2.26
C PHE A 39 23.40 -19.76 2.35
N GLY A 40 23.95 -19.14 3.37
CA GLY A 40 25.38 -19.14 3.56
C GLY A 40 26.11 -18.22 2.59
N PHE A 41 25.48 -17.11 2.24
CA PHE A 41 26.11 -16.14 1.37
C PHE A 41 27.53 -15.91 1.84
N PRO A 42 28.52 -16.10 0.94
CA PRO A 42 29.93 -15.97 1.32
C PRO A 42 30.34 -14.51 1.33
N GLN A 43 29.74 -13.77 2.24
CA GLN A 43 29.95 -12.35 2.39
C GLN A 43 31.44 -11.97 2.48
N GLU A 44 32.24 -12.83 3.12
CA GLU A 44 33.67 -12.58 3.29
C GLU A 44 34.45 -12.32 1.98
N GLU A 45 33.94 -12.82 0.86
CA GLU A 45 34.61 -12.66 -0.42
C GLU A 45 34.37 -11.28 -1.06
N PHE A 46 33.56 -10.45 -0.40
CA PHE A 46 33.26 -9.11 -0.92
C PHE A 46 33.79 -7.99 -0.05
N ASP A 47 34.62 -8.33 0.94
CA ASP A 47 35.29 -7.33 1.75
C ASP A 47 36.79 -7.35 1.45
N ALA A 54 39.06 -3.82 -3.94
CA ALA A 54 39.03 -4.70 -2.78
C ALA A 54 38.18 -5.96 -3.04
N PRO A 55 36.91 -5.77 -3.42
CA PRO A 55 36.13 -6.92 -3.91
C PRO A 55 36.56 -7.17 -5.34
N ALA A 56 37.09 -8.36 -5.66
CA ALA A 56 37.58 -8.63 -7.01
C ALA A 56 36.47 -8.67 -8.07
N ILE A 57 36.74 -8.05 -9.22
CA ILE A 57 35.72 -7.87 -10.24
C ILE A 57 35.28 -9.21 -10.85
N SER A 58 36.22 -10.14 -10.97
CA SER A 58 35.94 -11.46 -11.53
C SER A 58 34.76 -12.10 -10.80
N VAL A 59 34.58 -11.68 -9.56
CA VAL A 59 33.61 -12.29 -8.66
C VAL A 59 32.34 -11.45 -8.51
N LEU A 60 32.47 -10.13 -8.63
CA LEU A 60 31.31 -9.29 -8.95
C LEU A 60 30.62 -9.87 -10.18
N HIS A 61 31.42 -10.09 -11.22
CA HIS A 61 30.93 -10.60 -12.48
C HIS A 61 30.18 -11.90 -12.23
N GLU A 62 30.82 -12.80 -11.48
CA GLU A 62 30.24 -14.11 -11.25
C GLU A 62 28.93 -14.00 -10.49
N LEU A 63 28.86 -13.06 -9.56
CA LEU A 63 27.61 -12.78 -8.85
C LEU A 63 26.51 -12.39 -9.85
N ILE A 64 26.72 -11.29 -10.57
CA ILE A 64 25.75 -10.86 -11.56
C ILE A 64 25.44 -11.99 -12.53
N GLN A 65 26.49 -12.68 -12.97
CA GLN A 65 26.34 -13.77 -13.93
C GLN A 65 25.36 -14.79 -13.40
N GLN A 66 25.54 -15.16 -12.13
CA GLN A 66 24.71 -16.20 -11.55
C GLN A 66 23.26 -15.76 -11.40
N ILE A 67 23.09 -14.57 -10.84
CA ILE A 67 21.77 -13.95 -10.73
C ILE A 67 21.08 -13.98 -12.10
N PHE A 68 21.85 -13.76 -13.16
CA PHE A 68 21.27 -13.71 -14.48
C PHE A 68 20.82 -15.10 -14.90
N ASN A 69 21.64 -16.12 -14.64
CA ASN A 69 21.25 -17.49 -15.00
C ASN A 69 19.99 -17.84 -14.24
N LEU A 70 19.94 -17.36 -13.00
CA LEU A 70 18.86 -17.70 -12.08
C LEU A 70 17.48 -17.22 -12.53
N PHE A 71 17.43 -15.98 -13.01
CA PHE A 71 16.15 -15.33 -13.34
C PHE A 71 15.73 -15.39 -14.80
N THR A 72 16.50 -16.07 -15.62
CA THR A 72 16.15 -16.17 -17.03
C THR A 72 15.73 -17.57 -17.40
N THR A 73 15.42 -18.36 -16.40
CA THR A 73 14.87 -19.68 -16.61
C THR A 73 13.38 -19.63 -16.96
N LYS A 74 12.85 -20.78 -17.35
CA LYS A 74 11.43 -20.90 -17.61
C LYS A 74 10.67 -20.75 -16.30
N ASP A 75 11.13 -21.45 -15.27
CA ASP A 75 10.56 -21.35 -13.92
C ASP A 75 10.50 -19.90 -13.44
N SER A 76 11.62 -19.18 -13.59
CA SER A 76 11.62 -17.74 -13.32
C SER A 76 10.51 -16.98 -14.06
N SER A 77 10.44 -17.16 -15.39
CA SER A 77 9.44 -16.49 -16.21
C SER A 77 8.02 -16.87 -15.78
N ALA A 78 7.89 -18.04 -15.14
CA ALA A 78 6.60 -18.50 -14.63
C ALA A 78 6.20 -17.71 -13.40
N ALA A 79 7.19 -17.37 -12.59
CA ALA A 79 6.95 -16.79 -11.27
C ALA A 79 6.76 -15.27 -11.32
N TRP A 80 7.50 -14.61 -12.20
CA TRP A 80 7.50 -13.15 -12.19
C TRP A 80 6.77 -12.45 -13.34
N ASP A 81 6.40 -11.19 -13.12
CA ASP A 81 5.72 -10.35 -14.10
C ASP A 81 6.58 -10.20 -15.34
N GLU A 82 5.95 -10.25 -16.52
CA GLU A 82 6.66 -10.05 -17.77
C GLU A 82 7.45 -8.73 -17.78
N ASP A 83 6.75 -7.61 -17.68
CA ASP A 83 7.40 -6.31 -17.84
C ASP A 83 8.55 -6.13 -16.86
N LEU A 84 8.25 -6.28 -15.56
CA LEU A 84 9.26 -6.10 -14.53
C LEU A 84 10.49 -6.97 -14.79
N LEU A 85 10.24 -8.26 -14.96
CA LEU A 85 11.32 -9.21 -15.16
C LEU A 85 12.22 -8.86 -16.36
N ASP A 86 11.63 -8.32 -17.42
CA ASP A 86 12.39 -7.94 -18.59
C ASP A 86 13.34 -6.77 -18.31
N LYS A 87 12.80 -5.71 -17.72
CA LYS A 87 13.62 -4.59 -17.25
C LYS A 87 14.72 -5.12 -16.34
N PHE A 88 14.34 -5.99 -15.43
CA PHE A 88 15.29 -6.52 -14.49
C PHE A 88 16.43 -7.23 -15.22
N CYS A 89 16.05 -8.08 -16.18
CA CYS A 89 17.04 -8.90 -16.85
C CYS A 89 17.91 -8.09 -17.78
N THR A 90 17.34 -7.09 -18.43
CA THR A 90 18.15 -6.30 -19.34
C THR A 90 19.15 -5.45 -18.55
N GLU A 91 18.76 -5.01 -17.35
CA GLU A 91 19.71 -4.31 -16.47
C GLU A 91 20.89 -5.21 -16.14
N LEU A 92 20.58 -6.41 -15.64
CA LEU A 92 21.63 -7.40 -15.40
C LEU A 92 22.47 -7.55 -16.67
N TYR A 93 21.83 -7.50 -17.81
CA TYR A 93 22.49 -7.63 -19.08
C TYR A 93 23.51 -6.56 -19.38
N GLN A 94 23.23 -5.31 -19.12
CA GLN A 94 24.23 -4.27 -19.26
C GLN A 94 25.29 -4.38 -18.18
N GLN A 95 24.84 -4.55 -16.93
CA GLN A 95 25.78 -4.72 -15.83
C GLN A 95 26.83 -5.73 -16.31
N LEU A 96 26.36 -6.85 -16.84
CA LEU A 96 27.26 -7.89 -17.26
C LEU A 96 28.26 -7.38 -18.30
N ASN A 97 27.75 -6.82 -19.40
CA ASN A 97 28.59 -6.27 -20.46
C ASN A 97 29.63 -5.31 -19.93
N ASP A 98 29.17 -4.34 -19.14
CA ASP A 98 30.08 -3.39 -18.54
C ASP A 98 31.16 -4.12 -17.75
N LEU A 99 30.74 -5.04 -16.88
CA LEU A 99 31.66 -5.77 -16.02
C LEU A 99 32.71 -6.45 -16.88
N GLU A 100 32.24 -6.95 -18.01
CA GLU A 100 33.01 -7.88 -18.84
C GLU A 100 34.13 -7.23 -19.62
N ALA A 101 33.95 -5.98 -19.98
CA ALA A 101 35.04 -5.17 -20.48
C ALA A 101 36.21 -5.24 -19.51
N CYS A 102 35.99 -4.74 -18.30
CA CYS A 102 37.05 -4.56 -17.32
C CYS A 102 37.69 -5.86 -16.83
N VAL A 103 37.08 -7.00 -17.11
CA VAL A 103 37.69 -8.28 -16.80
C VAL A 103 38.64 -8.69 -17.93
N MET A 104 39.61 -7.84 -18.22
CA MET A 104 40.78 -8.22 -18.99
C MET A 104 41.95 -8.29 -18.00
N GLN A 105 42.66 -9.41 -18.09
CA GLN A 105 43.52 -9.91 -17.03
C GLN A 105 43.55 -11.43 -17.11
N ASN A 116 42.10 -17.71 -6.18
CA ASN A 116 40.90 -16.91 -6.44
C ASN A 116 39.78 -17.62 -7.19
N ALA A 117 40.07 -18.75 -7.77
CA ALA A 117 39.02 -19.55 -8.28
C ALA A 117 38.33 -20.07 -7.07
N ASP A 118 38.82 -19.67 -5.91
CA ASP A 118 38.27 -20.16 -4.65
C ASP A 118 37.03 -19.38 -4.35
N SER A 119 37.12 -18.09 -4.55
CA SER A 119 35.96 -17.21 -4.37
C SER A 119 34.88 -17.49 -5.39
N ILE A 120 35.27 -17.53 -6.60
CA ILE A 120 34.30 -17.72 -7.67
C ILE A 120 33.51 -19.02 -7.46
N LEU A 121 34.15 -19.95 -6.77
CA LEU A 121 33.55 -21.25 -6.50
C LEU A 121 32.50 -21.16 -5.41
N ALA A 122 32.83 -20.42 -4.36
CA ALA A 122 31.87 -20.21 -3.26
C ALA A 122 30.59 -19.56 -3.77
N VAL A 123 30.73 -18.66 -4.73
CA VAL A 123 29.58 -18.00 -5.33
C VAL A 123 28.74 -19.00 -6.12
N LYS A 124 29.41 -19.87 -6.88
CA LYS A 124 28.68 -20.89 -7.62
C LYS A 124 27.94 -21.82 -6.65
N LYS A 125 28.64 -22.30 -5.63
CA LYS A 125 28.02 -23.16 -4.64
C LYS A 125 26.78 -22.55 -4.03
N TYR A 126 26.93 -21.34 -3.52
CA TYR A 126 25.82 -20.59 -2.94
C TYR A 126 24.62 -20.65 -3.88
N PHE A 127 24.82 -20.40 -5.17
CA PHE A 127 23.70 -20.38 -6.08
C PHE A 127 23.09 -21.75 -6.33
N ARG A 128 23.75 -22.82 -5.97
CA ARG A 128 23.11 -24.11 -6.15
C ARG A 128 22.31 -24.48 -4.98
N ARG A 129 22.71 -23.96 -3.85
CA ARG A 129 22.00 -24.08 -2.63
C ARG A 129 20.68 -23.45 -2.86
N ILE A 130 20.66 -22.38 -3.63
CA ILE A 130 19.44 -21.67 -3.98
C ILE A 130 18.52 -22.48 -4.89
N THR A 131 19.05 -23.08 -5.95
CA THR A 131 18.18 -23.80 -6.87
C THR A 131 17.70 -25.09 -6.21
N LEU A 132 18.60 -25.76 -5.51
CA LEU A 132 18.22 -26.87 -4.62
C LEU A 132 17.02 -26.51 -3.79
N TYR A 133 17.15 -25.41 -3.06
CA TYR A 133 16.03 -24.88 -2.30
C TYR A 133 14.77 -24.83 -3.16
N LEU A 134 14.85 -24.17 -4.32
CA LEU A 134 13.66 -23.95 -5.15
C LEU A 134 13.02 -25.22 -5.62
N THR A 135 13.86 -26.19 -5.90
CA THR A 135 13.41 -27.50 -6.29
C THR A 135 12.70 -28.18 -5.12
N GLU A 136 13.32 -28.22 -3.97
CA GLU A 136 12.73 -28.76 -2.80
C GLU A 136 11.33 -28.28 -2.61
N LYS A 137 11.17 -26.98 -2.73
CA LYS A 137 9.95 -26.29 -2.34
C LYS A 137 9.04 -26.23 -3.53
N LYS A 138 9.39 -27.01 -4.55
CA LYS A 138 8.54 -27.09 -5.72
C LYS A 138 8.27 -25.71 -6.31
N TYR A 139 9.28 -24.84 -6.26
CA TYR A 139 9.19 -23.53 -6.87
C TYR A 139 7.94 -22.76 -6.45
N SER A 140 7.59 -22.86 -5.17
CA SER A 140 6.38 -22.22 -4.66
C SER A 140 6.53 -20.71 -4.58
N PRO A 141 5.40 -19.98 -4.66
CA PRO A 141 5.41 -18.50 -4.61
C PRO A 141 6.15 -18.02 -3.39
N CYS A 142 5.86 -18.63 -2.24
CA CYS A 142 6.55 -18.30 -1.01
C CYS A 142 8.08 -18.52 -1.10
N ALA A 143 8.48 -19.64 -1.69
CA ALA A 143 9.91 -19.94 -1.93
C ALA A 143 10.55 -18.88 -2.80
N TRP A 144 9.81 -18.45 -3.83
CA TRP A 144 10.30 -17.44 -4.75
C TRP A 144 10.51 -16.09 -4.05
N GLU A 145 9.57 -15.72 -3.18
CA GLU A 145 9.74 -14.49 -2.41
C GLU A 145 11.01 -14.58 -1.56
N VAL A 146 11.20 -15.73 -0.92
CA VAL A 146 12.37 -15.89 -0.06
C VAL A 146 13.61 -15.55 -0.88
N VAL A 147 13.66 -16.12 -2.08
CA VAL A 147 14.82 -16.00 -2.97
C VAL A 147 15.05 -14.58 -3.51
N ARG A 148 14.02 -13.99 -4.10
CA ARG A 148 14.01 -12.58 -4.49
C ARG A 148 14.70 -11.74 -3.42
N ALA A 149 14.17 -11.81 -2.21
CA ALA A 149 14.70 -11.04 -1.12
C ALA A 149 16.15 -11.46 -0.85
N GLU A 150 16.41 -12.76 -0.90
CA GLU A 150 17.77 -13.24 -0.64
C GLU A 150 18.75 -12.56 -1.59
N ILE A 151 18.44 -12.55 -2.88
CA ILE A 151 19.25 -11.79 -3.83
C ILE A 151 19.43 -10.31 -3.42
N MET A 152 18.33 -9.63 -3.12
CA MET A 152 18.42 -8.25 -2.67
C MET A 152 19.50 -8.11 -1.61
N ARG A 153 19.49 -9.03 -0.65
CA ARG A 153 20.41 -8.98 0.47
C ARG A 153 21.84 -9.11 -0.07
N SER A 154 22.06 -10.11 -0.91
CA SER A 154 23.39 -10.37 -1.46
C SER A 154 23.90 -9.21 -2.32
N LEU A 155 23.08 -8.73 -3.23
CA LEU A 155 23.33 -7.46 -3.93
C LEU A 155 23.79 -6.32 -3.02
N SER A 156 23.03 -6.06 -1.96
CA SER A 156 23.31 -4.89 -1.13
C SER A 156 24.57 -5.11 -0.32
N LEU A 157 24.90 -6.38 -0.12
CA LEU A 157 26.06 -6.72 0.68
C LEU A 157 27.30 -6.90 -0.20
N SER A 158 27.13 -6.77 -1.51
CA SER A 158 28.25 -6.99 -2.42
C SER A 158 29.02 -5.70 -2.68
N THR A 159 28.30 -4.58 -2.64
CA THR A 159 28.94 -3.29 -2.74
C THR A 159 29.88 -3.03 -1.55
N ILE B 4 14.36 -29.60 21.72
CA ILE B 4 13.66 -28.31 21.76
C ILE B 4 14.61 -27.12 21.85
N VAL B 5 15.85 -27.37 22.25
CA VAL B 5 16.65 -26.37 22.98
C VAL B 5 17.89 -25.74 22.28
N LEU B 6 18.23 -24.55 22.78
CA LEU B 6 19.13 -23.61 22.15
C LEU B 6 19.87 -22.86 23.27
N THR B 7 21.09 -23.27 23.57
CA THR B 7 21.74 -22.94 24.84
C THR B 7 22.73 -21.78 24.82
N GLN B 8 22.59 -20.87 25.78
CA GLN B 8 23.61 -19.86 26.02
C GLN B 8 24.14 -19.95 27.44
N PRO B 9 25.30 -19.35 27.69
CA PRO B 9 25.83 -19.29 29.05
C PRO B 9 24.93 -18.40 29.89
N PRO B 10 24.47 -18.91 31.04
CA PRO B 10 23.52 -18.21 31.91
C PRO B 10 24.04 -16.83 32.29
N SER B 11 25.33 -16.74 32.55
CA SER B 11 25.93 -15.45 32.86
C SER B 11 27.31 -15.28 32.27
N VAL B 12 27.65 -14.01 32.04
CA VAL B 12 28.96 -13.60 31.63
C VAL B 12 29.18 -12.19 32.15
N SER B 13 30.42 -11.86 32.47
CA SER B 13 30.70 -10.52 32.94
C SER B 13 32.01 -10.09 32.34
N GLY B 14 32.23 -8.78 32.34
CA GLY B 14 33.51 -8.22 31.98
C GLY B 14 33.70 -6.88 32.65
N ALA B 15 34.92 -6.36 32.60
CA ALA B 15 35.18 -5.04 33.08
C ALA B 15 34.94 -4.08 31.94
N PRO B 16 34.77 -2.80 32.24
CA PRO B 16 34.61 -1.77 31.20
C PRO B 16 35.79 -1.76 30.25
N GLY B 17 35.53 -1.52 28.97
CA GLY B 17 36.57 -1.52 27.96
C GLY B 17 36.91 -2.92 27.50
N GLN B 18 36.53 -3.91 28.29
CA GLN B 18 36.77 -5.29 27.92
C GLN B 18 35.98 -5.64 26.68
N ARG B 19 36.27 -6.82 26.12
CA ARG B 19 35.51 -7.38 25.04
C ARG B 19 35.02 -8.73 25.49
N VAL B 20 33.74 -9.01 25.30
CA VAL B 20 33.21 -10.29 25.77
C VAL B 20 32.31 -10.92 24.73
N THR B 21 32.18 -12.24 24.81
CA THR B 21 31.47 -12.99 23.80
C THR B 21 30.38 -13.85 24.42
N ILE B 22 29.25 -13.95 23.72
CA ILE B 22 28.10 -14.71 24.19
C ILE B 22 27.70 -15.74 23.16
N SER B 23 27.83 -17.01 23.52
CA SER B 23 27.57 -18.11 22.60
C SER B 23 26.11 -18.56 22.54
N CYS B 24 25.72 -18.99 21.36
CA CYS B 24 24.39 -19.53 21.14
C CYS B 24 24.61 -20.84 20.41
N SER B 25 24.32 -21.94 21.06
CA SER B 25 24.56 -23.24 20.43
C SER B 25 23.27 -23.96 20.18
N GLY B 26 22.99 -24.24 18.91
CA GLY B 26 21.75 -24.91 18.56
C GLY B 26 21.90 -26.14 17.69
N SER B 27 20.78 -26.74 17.34
CA SER B 27 20.77 -27.77 16.32
C SER B 27 20.88 -27.11 14.94
N SER B 28 20.79 -27.92 13.89
CA SER B 28 20.95 -27.41 12.56
C SER B 28 19.58 -27.35 11.91
N SER B 29 18.59 -27.85 12.63
CA SER B 29 17.22 -27.68 12.22
C SER B 29 16.83 -26.20 12.40
N ASN B 30 17.59 -25.52 13.27
CA ASN B 30 17.40 -24.11 13.49
C ASN B 30 18.59 -23.30 13.00
N ILE B 31 19.62 -23.19 13.84
CA ILE B 31 20.74 -22.31 13.52
C ILE B 31 21.43 -22.70 12.21
N GLY B 32 21.61 -24.00 12.00
CA GLY B 32 22.22 -24.46 10.77
C GLY B 32 21.46 -23.98 9.56
N SER B 33 20.13 -23.94 9.67
CA SER B 33 19.25 -23.67 8.54
C SER B 33 18.87 -22.21 8.36
N ASN B 34 18.90 -21.47 9.46
CA ASN B 34 18.19 -20.20 9.50
C ASN B 34 18.97 -18.99 9.99
N TYR B 35 18.52 -17.81 9.59
CA TYR B 35 19.13 -16.57 10.06
C TYR B 35 18.85 -16.36 11.52
N VAL B 36 19.89 -15.91 12.23
CA VAL B 36 19.83 -15.68 13.67
C VAL B 36 19.68 -14.20 14.04
N SER B 37 18.87 -13.91 15.07
CA SER B 37 18.77 -12.57 15.65
C SER B 37 19.14 -12.54 17.15
N TRP B 38 19.61 -11.39 17.63
CA TRP B 38 19.86 -11.18 19.05
C TRP B 38 19.01 -10.05 19.63
N TYR B 39 18.62 -10.20 20.89
CA TYR B 39 17.79 -9.19 21.57
C TYR B 39 18.45 -8.78 22.86
N GLN B 40 18.31 -7.51 23.19
CA GLN B 40 18.86 -6.99 24.44
C GLN B 40 17.69 -6.59 25.33
N GLN B 41 17.81 -6.87 26.62
CA GLN B 41 16.77 -6.47 27.59
C GLN B 41 17.34 -5.86 28.84
N LEU B 42 17.25 -4.54 28.94
CA LEU B 42 17.65 -3.86 30.15
C LEU B 42 16.61 -4.19 31.22
N PRO B 43 17.00 -4.06 32.49
CA PRO B 43 16.07 -4.32 33.61
C PRO B 43 14.80 -3.48 33.51
N GLY B 44 13.63 -4.14 33.49
CA GLY B 44 12.35 -3.43 33.43
C GLY B 44 11.82 -3.13 32.03
N THR B 45 12.73 -2.99 31.07
CA THR B 45 12.35 -2.68 29.69
C THR B 45 11.93 -3.90 28.88
N ALA B 46 11.18 -3.66 27.81
CA ALA B 46 10.91 -4.69 26.82
C ALA B 46 12.22 -4.99 26.08
N PRO B 47 12.34 -6.19 25.47
CA PRO B 47 13.55 -6.45 24.69
C PRO B 47 13.58 -5.54 23.49
N LYS B 48 14.78 -5.12 23.10
CA LYS B 48 14.96 -4.42 21.85
C LYS B 48 15.87 -5.22 20.95
N LEU B 49 15.59 -5.21 19.65
CA LEU B 49 16.42 -5.91 18.68
C LEU B 49 17.82 -5.32 18.61
N LEU B 50 18.82 -6.19 18.52
CA LEU B 50 20.22 -5.81 18.62
C LEU B 50 21.03 -6.26 17.40
N ILE B 51 20.74 -7.45 16.90
CA ILE B 51 21.41 -8.00 15.74
C ILE B 51 20.42 -8.88 14.98
N TYR B 52 20.43 -8.83 13.65
CA TYR B 52 19.53 -9.65 12.84
C TYR B 52 20.26 -10.21 11.62
N ASP B 53 19.65 -11.18 10.96
CA ASP B 53 20.32 -11.86 9.85
C ASP B 53 21.79 -12.07 10.18
N ASN B 54 22.05 -12.75 11.30
CA ASN B 54 23.38 -13.16 11.73
C ASN B 54 24.33 -12.06 12.19
N ASN B 55 24.55 -11.07 11.33
CA ASN B 55 25.60 -10.10 11.58
C ASN B 55 25.17 -8.67 11.27
N GLN B 56 23.92 -8.51 10.87
CA GLN B 56 23.38 -7.19 10.55
C GLN B 56 22.89 -6.42 11.79
N ARG B 57 23.11 -5.12 11.79
CA ARG B 57 22.85 -4.26 12.96
C ARG B 57 21.78 -3.18 12.70
N PRO B 58 20.72 -3.15 13.51
CA PRO B 58 19.67 -2.14 13.29
C PRO B 58 20.19 -0.70 13.44
N SER B 59 19.50 0.24 12.82
CA SER B 59 19.79 1.68 12.89
C SER B 59 20.68 2.16 14.05
N GLY B 60 20.09 2.35 15.24
CA GLY B 60 20.77 3.02 16.32
C GLY B 60 21.81 2.26 17.13
N VAL B 61 21.99 0.98 16.84
CA VAL B 61 22.88 0.14 17.64
C VAL B 61 24.38 0.47 17.48
N PRO B 62 25.07 0.73 18.60
CA PRO B 62 26.52 0.98 18.52
C PRO B 62 27.18 -0.14 17.74
N ASP B 63 28.41 0.07 17.28
CA ASP B 63 29.04 -0.92 16.42
C ASP B 63 30.02 -1.81 17.18
N ARG B 64 30.08 -1.67 18.49
CA ARG B 64 30.87 -2.57 19.29
C ARG B 64 30.12 -3.89 19.42
N PHE B 65 28.90 -3.89 18.91
CA PHE B 65 28.08 -5.10 18.84
C PHE B 65 28.18 -5.73 17.46
N SER B 66 28.48 -7.02 17.42
CA SER B 66 28.62 -7.73 16.16
C SER B 66 28.10 -9.15 16.31
N GLY B 67 27.57 -9.71 15.24
CA GLY B 67 27.08 -11.08 15.27
C GLY B 67 27.90 -11.95 14.35
N SER B 68 27.78 -13.25 14.53
CA SER B 68 28.56 -14.21 13.75
C SER B 68 27.81 -15.53 13.76
N LYS B 69 27.92 -16.30 12.70
CA LYS B 69 27.29 -17.62 12.67
C LYS B 69 28.33 -18.56 12.14
N SER B 70 28.33 -19.78 12.65
CA SER B 70 29.37 -20.74 12.30
C SER B 70 28.82 -22.16 12.35
N GLY B 71 28.24 -22.58 11.24
CA GLY B 71 27.63 -23.88 11.15
C GLY B 71 26.37 -23.90 11.99
N THR B 72 26.54 -24.23 13.26
CA THR B 72 25.40 -24.59 14.07
C THR B 72 25.35 -23.80 15.38
N SER B 73 26.17 -22.77 15.47
CA SER B 73 26.19 -21.89 16.63
C SER B 73 26.31 -20.43 16.20
N ALA B 74 25.67 -19.54 16.97
CA ALA B 74 25.83 -18.11 16.78
C ALA B 74 26.68 -17.52 17.91
N SER B 75 27.15 -16.29 17.73
CA SER B 75 27.99 -15.66 18.74
C SER B 75 27.83 -14.15 18.68
N LEU B 76 27.44 -13.58 19.82
CA LEU B 76 27.37 -12.13 19.96
C LEU B 76 28.67 -11.65 20.60
N ALA B 77 29.25 -10.60 20.03
CA ALA B 77 30.49 -10.07 20.55
C ALA B 77 30.30 -8.60 20.84
N ILE B 78 30.65 -8.20 22.06
CA ILE B 78 30.68 -6.79 22.43
C ILE B 78 32.11 -6.38 22.73
N THR B 79 32.53 -5.26 22.15
CA THR B 79 33.81 -4.67 22.49
C THR B 79 33.59 -3.41 23.28
N GLY B 80 34.68 -2.77 23.71
CA GLY B 80 34.61 -1.50 24.43
C GLY B 80 33.48 -1.52 25.42
N LEU B 81 33.39 -2.63 26.16
CA LEU B 81 32.30 -2.88 27.10
C LEU B 81 31.98 -1.68 27.98
N GLN B 82 30.70 -1.47 28.23
CA GLN B 82 30.29 -0.31 29.02
C GLN B 82 29.20 -0.67 30.02
N SER B 83 29.19 0.00 31.17
CA SER B 83 28.28 -0.33 32.26
C SER B 83 26.81 -0.35 31.84
N GLU B 84 26.49 0.34 30.75
CA GLU B 84 25.11 0.42 30.25
C GLU B 84 24.72 -0.79 29.41
N ASP B 85 25.67 -1.70 29.22
CA ASP B 85 25.44 -2.90 28.46
C ASP B 85 24.96 -4.00 29.39
N GLU B 86 24.96 -3.70 30.69
CA GLU B 86 24.43 -4.64 31.67
C GLU B 86 22.98 -4.90 31.32
N ALA B 87 22.72 -6.13 30.87
CA ALA B 87 21.38 -6.55 30.49
C ALA B 87 21.37 -8.07 30.26
N ASP B 88 20.20 -8.61 29.92
CA ASP B 88 20.09 -9.99 29.50
C ASP B 88 20.17 -9.96 28.00
N TYR B 89 20.85 -10.94 27.42
CA TYR B 89 20.95 -11.07 25.97
C TYR B 89 20.40 -12.40 25.47
N TYR B 90 19.50 -12.32 24.48
CA TYR B 90 18.85 -13.51 23.90
C TYR B 90 19.07 -13.70 22.42
N CYS B 91 19.48 -14.91 22.05
CA CYS B 91 19.51 -15.29 20.65
C CYS B 91 18.13 -15.78 20.28
N GLN B 92 17.82 -15.79 18.99
CA GLN B 92 16.51 -16.24 18.55
C GLN B 92 16.61 -16.77 17.12
N VAL B 93 15.81 -17.78 16.80
CA VAL B 93 15.81 -18.37 15.47
C VAL B 93 14.59 -19.25 15.28
N ARG B 94 14.21 -19.53 14.02
CA ARG B 94 13.12 -20.47 13.78
C ARG B 94 13.69 -21.88 13.76
N ASP B 95 12.89 -22.86 14.17
CA ASP B 95 13.30 -24.24 14.10
C ASP B 95 12.45 -24.91 13.05
N ASN B 96 13.10 -25.33 11.97
CA ASN B 96 12.39 -25.90 10.83
C ASN B 96 11.66 -27.21 11.15
N ASN B 97 12.10 -27.91 12.20
CA ASN B 97 11.48 -29.17 12.61
C ASN B 97 10.11 -29.00 13.26
N GLU B 98 10.04 -28.12 14.25
CA GLU B 98 8.85 -27.97 15.05
C GLU B 98 7.88 -26.94 14.49
N ASN B 99 8.32 -26.21 13.46
CA ASN B 99 7.55 -25.07 12.99
C ASN B 99 7.30 -24.09 14.13
N GLU B 100 8.37 -23.67 14.78
CA GLU B 100 8.29 -22.78 15.95
C GLU B 100 9.49 -21.83 15.99
N TRP B 101 9.27 -20.66 16.57
CA TRP B 101 10.39 -19.80 16.88
C TRP B 101 10.90 -20.21 18.26
N VAL B 102 12.15 -19.83 18.55
CA VAL B 102 12.75 -20.19 19.84
C VAL B 102 13.85 -19.22 20.28
N PHE B 103 13.82 -18.88 21.57
CA PHE B 103 14.83 -18.07 22.22
C PHE B 103 15.78 -18.94 23.05
N GLY B 104 17.01 -18.50 23.20
CA GLY B 104 17.93 -19.15 24.11
C GLY B 104 17.50 -18.82 25.53
N GLY B 105 18.16 -19.45 26.51
CA GLY B 105 17.83 -19.24 27.90
C GLY B 105 18.31 -17.90 28.40
N GLY B 106 18.91 -17.14 27.49
CA GLY B 106 19.43 -15.83 27.81
C GLY B 106 20.74 -15.83 28.58
N THR B 107 21.38 -14.67 28.63
CA THR B 107 22.66 -14.53 29.28
C THR B 107 22.69 -13.22 30.06
N LYS B 108 22.96 -13.31 31.36
CA LYS B 108 23.01 -12.10 32.15
C LYS B 108 24.40 -11.51 32.10
N LEU B 109 24.53 -10.37 31.43
CA LEU B 109 25.81 -9.68 31.29
C LEU B 109 25.98 -8.73 32.45
N THR B 110 26.99 -9.01 33.26
CA THR B 110 27.26 -8.21 34.44
C THR B 110 28.50 -7.39 34.12
N VAL B 111 28.42 -6.08 34.32
CA VAL B 111 29.58 -5.22 34.06
C VAL B 111 30.26 -4.72 35.33
N LEU B 112 31.50 -5.12 35.54
CA LEU B 112 32.31 -4.59 36.62
C LEU B 112 32.16 -3.07 36.67
N GLU B 135 7.99 5.84 15.58
CA GLU B 135 6.62 6.32 15.45
C GLU B 135 5.67 5.16 15.62
N VAL B 136 6.21 3.95 15.59
CA VAL B 136 5.35 2.78 15.66
C VAL B 136 5.08 2.37 17.10
N GLN B 137 3.88 1.87 17.37
CA GLN B 137 3.52 1.60 18.74
C GLN B 137 2.73 0.32 18.96
N LEU B 138 3.13 -0.40 20.00
CA LEU B 138 2.42 -1.60 20.40
C LEU B 138 2.03 -1.44 21.84
N VAL B 139 0.74 -1.63 22.11
CA VAL B 139 0.23 -1.45 23.45
C VAL B 139 -0.67 -2.61 23.83
N GLU B 140 -0.15 -3.54 24.64
CA GLU B 140 -0.96 -4.66 25.09
C GLU B 140 -1.82 -4.31 26.29
N SER B 141 -2.98 -4.96 26.37
CA SER B 141 -3.98 -4.72 27.39
C SER B 141 -4.60 -6.07 27.76
N GLY B 142 -5.56 -6.06 28.68
CA GLY B 142 -6.31 -7.26 29.02
C GLY B 142 -5.69 -8.19 30.06
N GLY B 143 -4.48 -7.84 30.50
CA GLY B 143 -3.83 -8.68 31.49
C GLY B 143 -4.58 -8.69 32.79
N GLY B 144 -4.18 -9.58 33.69
CA GLY B 144 -4.74 -9.58 35.04
C GLY B 144 -4.50 -10.82 35.92
N LEU B 145 -5.46 -11.09 36.77
CA LEU B 145 -5.33 -12.11 37.79
C LEU B 145 -6.49 -13.10 37.73
N VAL B 146 -6.17 -14.38 37.78
CA VAL B 146 -7.17 -15.42 37.52
C VAL B 146 -6.87 -16.76 38.19
N GLN B 147 -7.92 -17.56 38.34
CA GLN B 147 -7.82 -18.88 38.94
C GLN B 147 -7.34 -19.87 37.89
N PRO B 148 -6.58 -20.89 38.30
CA PRO B 148 -6.19 -21.93 37.35
C PRO B 148 -7.43 -22.49 36.67
N GLY B 149 -7.38 -22.65 35.35
CA GLY B 149 -8.54 -23.10 34.58
C GLY B 149 -9.37 -21.94 34.04
N GLY B 150 -9.00 -20.72 34.40
CA GLY B 150 -9.64 -19.52 33.91
C GLY B 150 -9.34 -19.13 32.47
N SER B 151 -9.83 -17.96 32.07
CA SER B 151 -9.72 -17.50 30.69
C SER B 151 -9.37 -16.02 30.67
N LEU B 152 -8.61 -15.60 29.65
CA LEU B 152 -8.27 -14.18 29.46
C LEU B 152 -8.15 -13.87 27.98
N ARG B 153 -8.44 -12.63 27.59
CA ARG B 153 -8.23 -12.22 26.20
C ARG B 153 -7.27 -11.03 26.14
N LEU B 154 -6.13 -11.22 25.47
CA LEU B 154 -5.17 -10.12 25.36
C LEU B 154 -5.36 -9.34 24.06
N SER B 155 -5.28 -8.01 24.18
CA SER B 155 -5.28 -7.17 22.99
C SER B 155 -3.92 -6.53 22.84
N CYS B 156 -3.59 -6.18 21.61
CA CYS B 156 -2.40 -5.38 21.36
C CYS B 156 -2.79 -4.33 20.35
N ALA B 157 -2.76 -3.08 20.78
CA ALA B 157 -3.17 -1.99 19.90
C ALA B 157 -1.97 -1.49 19.14
N ALA B 158 -2.07 -1.51 17.82
CA ALA B 158 -0.91 -1.15 17.01
C ALA B 158 -1.15 0.15 16.28
N SER B 159 -0.05 0.83 15.95
CA SER B 159 -0.12 2.17 15.37
C SER B 159 1.22 2.58 14.82
N GLY B 160 1.19 3.46 13.83
CA GLY B 160 2.41 4.00 13.26
C GLY B 160 2.95 3.18 12.11
N PHE B 161 2.21 2.17 11.72
CA PHE B 161 2.55 1.41 10.52
C PHE B 161 1.34 0.74 9.87
N THR B 162 1.52 0.25 8.66
CA THR B 162 0.45 -0.47 7.99
C THR B 162 0.41 -1.92 8.47
N PHE B 163 -0.53 -2.18 9.36
CA PHE B 163 -0.60 -3.36 10.22
C PHE B 163 -0.74 -4.68 9.46
N SER B 164 -1.60 -4.66 8.44
CA SER B 164 -1.86 -5.83 7.60
C SER B 164 -0.58 -6.42 7.04
N SER B 165 0.42 -5.57 6.88
CA SER B 165 1.63 -5.94 6.16
C SER B 165 2.69 -6.59 7.02
N TYR B 166 2.37 -6.82 8.30
CA TYR B 166 3.36 -7.35 9.22
C TYR B 166 2.79 -8.52 9.99
N ALA B 167 3.59 -9.56 10.14
CA ALA B 167 3.19 -10.67 10.96
C ALA B 167 3.44 -10.22 12.40
N MET B 168 2.69 -10.79 13.36
CA MET B 168 2.87 -10.44 14.76
C MET B 168 3.09 -11.68 15.59
N SER B 169 3.56 -11.50 16.82
CA SER B 169 3.74 -12.61 17.72
C SER B 169 3.40 -12.21 19.14
N TRP B 170 3.23 -13.21 19.99
CA TRP B 170 3.14 -12.99 21.42
C TRP B 170 4.33 -13.71 22.04
N VAL B 171 4.94 -13.10 23.05
CA VAL B 171 6.11 -13.66 23.70
C VAL B 171 6.01 -13.35 25.17
N ARG B 172 6.21 -14.37 25.99
CA ARG B 172 6.03 -14.17 27.41
C ARG B 172 7.33 -14.38 28.16
N GLN B 173 7.42 -13.72 29.31
CA GLN B 173 8.52 -13.95 30.21
C GLN B 173 7.91 -14.20 31.56
N ALA B 174 8.15 -15.40 32.07
CA ALA B 174 7.66 -15.72 33.39
C ALA B 174 8.52 -14.99 34.43
N PRO B 175 7.98 -14.83 35.66
CA PRO B 175 8.70 -14.29 36.81
C PRO B 175 10.08 -14.93 36.98
N GLY B 176 11.15 -14.15 36.80
CA GLY B 176 12.51 -14.63 36.99
C GLY B 176 13.10 -15.47 35.87
N LYS B 177 12.32 -15.70 34.84
CA LYS B 177 12.79 -16.53 33.75
C LYS B 177 13.03 -15.71 32.47
N GLY B 178 13.50 -16.39 31.44
CA GLY B 178 13.82 -15.75 30.18
C GLY B 178 12.70 -15.89 29.18
N LEU B 179 12.91 -15.28 28.02
CA LEU B 179 11.89 -15.20 26.97
C LEU B 179 11.38 -16.54 26.45
N GLU B 180 10.08 -16.62 26.20
CA GLU B 180 9.50 -17.81 25.59
C GLU B 180 8.48 -17.43 24.54
N TRP B 181 8.72 -17.86 23.30
CA TRP B 181 7.77 -17.60 22.23
C TRP B 181 6.52 -18.45 22.40
N VAL B 182 5.38 -17.87 22.08
CA VAL B 182 4.08 -18.44 22.43
C VAL B 182 3.27 -18.74 21.19
N SER B 183 3.10 -17.72 20.37
CA SER B 183 2.22 -17.82 19.23
C SER B 183 2.69 -16.82 18.19
N ALA B 184 2.22 -17.01 16.97
CA ALA B 184 2.52 -16.09 15.89
C ALA B 184 1.38 -16.17 14.88
N ILE B 185 1.21 -15.11 14.09
CA ILE B 185 0.15 -15.07 13.08
C ILE B 185 0.54 -14.21 11.88
N SER B 186 0.20 -14.70 10.69
CA SER B 186 0.59 -14.03 9.45
C SER B 186 -0.12 -12.69 9.24
N GLY B 187 0.39 -11.89 8.32
CA GLY B 187 -0.19 -10.59 8.02
C GLY B 187 -1.67 -10.71 7.70
N SER B 188 -2.02 -11.69 6.88
CA SER B 188 -3.41 -11.95 6.51
C SER B 188 -4.19 -12.46 7.71
N GLY B 189 -3.70 -13.52 8.34
CA GLY B 189 -4.47 -14.18 9.38
C GLY B 189 -4.65 -15.65 9.08
N GLY B 190 -4.36 -16.05 7.83
CA GLY B 190 -4.59 -17.42 7.40
C GLY B 190 -3.59 -18.43 7.92
N SER B 191 -2.53 -17.96 8.58
CA SER B 191 -1.55 -18.89 9.12
C SER B 191 -1.26 -18.56 10.57
N THR B 192 -1.31 -19.57 11.43
CA THR B 192 -1.04 -19.35 12.84
C THR B 192 -0.11 -20.44 13.34
N TYR B 193 0.65 -20.13 14.39
CA TYR B 193 1.66 -21.06 14.87
C TYR B 193 1.68 -20.96 16.38
N TYR B 194 1.90 -22.08 17.06
CA TYR B 194 1.84 -22.11 18.52
C TYR B 194 2.96 -22.93 19.11
N ALA B 195 3.33 -22.60 20.33
CA ALA B 195 4.33 -23.36 21.06
C ALA B 195 3.61 -24.53 21.72
N ASP B 196 4.24 -25.70 21.77
CA ASP B 196 3.63 -26.88 22.37
C ASP B 196 2.89 -26.48 23.66
N SER B 197 3.64 -25.95 24.61
CA SER B 197 3.11 -25.38 25.86
C SER B 197 1.63 -25.03 25.83
N VAL B 198 1.24 -24.28 24.81
CA VAL B 198 -0.07 -23.64 24.77
C VAL B 198 -0.94 -24.15 23.63
N LYS B 199 -0.44 -25.12 22.89
CA LYS B 199 -1.18 -25.63 21.72
C LYS B 199 -2.63 -25.96 22.05
N GLY B 200 -3.56 -25.41 21.29
CA GLY B 200 -4.96 -25.69 21.51
C GLY B 200 -5.66 -24.95 22.64
N ARG B 201 -4.91 -24.44 23.60
CA ARG B 201 -5.53 -23.66 24.66
C ARG B 201 -5.58 -22.19 24.25
N PHE B 202 -4.48 -21.70 23.71
CA PHE B 202 -4.40 -20.33 23.27
C PHE B 202 -4.78 -20.24 21.79
N THR B 203 -5.32 -19.10 21.42
CA THR B 203 -5.71 -18.85 20.05
C THR B 203 -5.41 -17.41 19.66
N ILE B 204 -4.48 -17.27 18.72
CA ILE B 204 -4.05 -15.97 18.25
C ILE B 204 -4.95 -15.48 17.13
N SER B 205 -5.39 -14.23 17.25
CA SER B 205 -6.38 -13.59 16.37
C SER B 205 -5.86 -12.29 15.86
N ARG B 206 -6.63 -11.68 14.99
CA ARG B 206 -6.19 -10.47 14.32
C ARG B 206 -7.40 -9.81 13.71
N ASP B 207 -7.51 -8.50 13.90
CA ASP B 207 -8.51 -7.72 13.17
C ASP B 207 -7.82 -6.53 12.52
N ASN B 208 -7.52 -6.66 11.23
CA ASN B 208 -6.74 -5.65 10.54
C ASN B 208 -7.51 -4.36 10.26
N SER B 209 -8.84 -4.40 10.44
CA SER B 209 -9.66 -3.20 10.31
C SER B 209 -9.58 -2.33 11.57
N LYS B 210 -9.15 -2.92 12.67
CA LYS B 210 -9.04 -2.21 13.94
C LYS B 210 -7.61 -2.23 14.51
N ASN B 211 -6.66 -2.73 13.73
CA ASN B 211 -5.26 -2.68 14.14
C ASN B 211 -4.97 -3.35 15.48
N THR B 212 -5.63 -4.47 15.73
CA THR B 212 -5.50 -5.15 17.00
C THR B 212 -5.14 -6.61 16.79
N LEU B 213 -4.23 -7.09 17.63
CA LEU B 213 -3.86 -8.47 17.66
C LEU B 213 -4.46 -8.99 18.96
N TYR B 214 -5.00 -10.21 18.93
CA TYR B 214 -5.55 -10.79 20.15
C TYR B 214 -4.83 -12.07 20.53
N LEU B 215 -5.19 -12.59 21.68
CA LEU B 215 -4.68 -13.86 22.13
C LEU B 215 -5.67 -14.36 23.17
N GLN B 216 -6.49 -15.34 22.78
CA GLN B 216 -7.46 -15.93 23.70
C GLN B 216 -6.73 -16.99 24.50
N MET B 217 -6.74 -16.83 25.83
CA MET B 217 -6.08 -17.83 26.69
C MET B 217 -7.12 -18.57 27.49
N ASN B 218 -7.20 -19.88 27.27
CA ASN B 218 -8.17 -20.72 27.94
C ASN B 218 -7.50 -21.81 28.75
N SER B 219 -8.23 -22.40 29.68
CA SER B 219 -7.68 -23.45 30.52
C SER B 219 -6.34 -22.98 31.07
N LEU B 220 -6.31 -21.80 31.68
CA LEU B 220 -5.06 -21.21 32.13
C LEU B 220 -4.40 -22.09 33.19
N ARG B 221 -3.07 -22.04 33.22
CA ARG B 221 -2.28 -22.78 34.22
C ARG B 221 -1.37 -21.82 34.96
N ALA B 222 -0.78 -22.28 36.05
CA ALA B 222 0.02 -21.37 36.86
C ALA B 222 1.31 -21.04 36.16
N GLU B 223 1.69 -21.91 35.25
CA GLU B 223 2.90 -21.72 34.46
C GLU B 223 2.68 -20.68 33.36
N ASP B 224 1.43 -20.37 33.07
CA ASP B 224 1.15 -19.33 32.09
C ASP B 224 1.45 -17.93 32.64
N THR B 225 1.69 -17.86 33.94
CA THR B 225 1.99 -16.58 34.59
C THR B 225 3.22 -15.94 33.98
N ALA B 226 3.08 -14.68 33.56
CA ALA B 226 4.16 -13.98 32.88
C ALA B 226 3.71 -12.64 32.32
N VAL B 227 4.68 -11.77 32.06
CA VAL B 227 4.42 -10.59 31.24
C VAL B 227 4.28 -11.05 29.81
N TYR B 228 3.25 -10.58 29.13
CA TYR B 228 3.04 -10.90 27.71
C TYR B 228 3.35 -9.71 26.81
N TYR B 229 4.34 -9.89 25.95
CA TYR B 229 4.68 -8.88 24.95
C TYR B 229 4.07 -9.23 23.59
N CYS B 230 3.54 -8.24 22.88
CA CYS B 230 3.29 -8.48 21.48
C CYS B 230 4.50 -7.94 20.73
N ALA B 231 4.76 -8.49 19.55
CA ALA B 231 5.94 -8.08 18.80
C ALA B 231 5.69 -8.13 17.31
N ARG B 232 6.31 -7.20 16.59
CA ARG B 232 6.10 -7.08 15.15
C ARG B 232 7.20 -7.75 14.36
N TYR B 233 6.81 -8.72 13.52
CA TYR B 233 7.77 -9.48 12.72
C TYR B 233 8.14 -8.68 11.49
N ILE B 234 9.42 -8.58 11.23
CA ILE B 234 9.87 -8.06 9.94
C ILE B 234 9.82 -9.17 8.89
N ASP B 235 9.09 -8.92 7.81
CA ASP B 235 9.16 -9.75 6.61
C ASP B 235 8.83 -11.23 6.82
N PHE B 236 9.83 -12.09 6.71
CA PHE B 236 9.58 -13.52 6.79
C PHE B 236 9.48 -14.05 8.23
N GLY B 237 9.37 -13.15 9.19
CA GLY B 237 9.34 -13.54 10.58
C GLY B 237 10.64 -14.04 11.16
N ASP B 238 11.77 -13.71 10.53
CA ASP B 238 13.05 -14.18 11.08
C ASP B 238 13.47 -13.38 12.30
N HIS B 239 12.89 -12.20 12.45
CA HIS B 239 13.18 -11.36 13.61
C HIS B 239 12.10 -10.32 13.78
N MET B 240 12.00 -9.80 15.01
CA MET B 240 10.98 -8.82 15.36
C MET B 240 11.69 -7.57 15.87
N ASP B 241 11.43 -6.45 15.22
CA ASP B 241 12.16 -5.20 15.46
C ASP B 241 11.53 -4.38 16.59
N PHE B 242 10.30 -4.71 16.94
CA PHE B 242 9.54 -3.91 17.85
C PHE B 242 8.73 -4.72 18.81
N TRP B 243 8.67 -4.24 20.05
CA TRP B 243 7.98 -4.89 21.16
C TRP B 243 7.13 -3.89 21.91
N GLY B 244 6.01 -4.35 22.46
CA GLY B 244 5.21 -3.54 23.35
C GLY B 244 5.89 -3.49 24.73
N GLN B 245 5.23 -2.87 25.69
CA GLN B 245 5.80 -2.81 27.03
C GLN B 245 5.35 -3.98 27.90
N GLY B 246 4.32 -4.69 27.44
CA GLY B 246 3.88 -5.92 28.08
C GLY B 246 2.68 -5.77 29.01
N THR B 247 1.90 -6.83 29.13
CA THR B 247 0.80 -6.85 30.09
C THR B 247 0.98 -8.04 31.03
N LEU B 248 0.76 -7.80 32.31
CA LEU B 248 1.04 -8.84 33.28
C LEU B 248 -0.14 -9.78 33.45
N VAL B 249 0.14 -11.07 33.32
CA VAL B 249 -0.86 -12.09 33.55
C VAL B 249 -0.43 -13.06 34.65
N THR B 250 -1.21 -13.09 35.73
CA THR B 250 -0.90 -13.93 36.87
C THR B 250 -2.00 -14.97 37.11
N VAL B 251 -1.59 -16.22 37.31
CA VAL B 251 -2.52 -17.31 37.57
C VAL B 251 -2.20 -17.93 38.95
N SER B 252 -3.10 -17.70 39.93
CA SER B 252 -2.90 -18.19 41.28
C SER B 252 -4.21 -18.75 41.83
N SER B 253 -4.12 -19.75 42.70
CA SER B 253 -5.30 -20.34 43.31
C SER B 253 -5.89 -19.37 44.32
N LEU B 254 -5.09 -18.36 44.66
CA LEU B 254 -5.58 -17.36 45.57
C LEU B 254 -6.71 -16.56 44.88
N LEU C 12 -34.60 21.80 -29.20
CA LEU C 12 -33.89 22.44 -28.10
C LEU C 12 -32.46 22.74 -28.43
N ASP C 13 -32.13 24.00 -28.63
CA ASP C 13 -30.78 24.37 -28.89
C ASP C 13 -30.26 25.03 -27.66
N ASN C 14 -29.52 24.24 -26.92
CA ASN C 14 -28.96 24.59 -25.67
C ASN C 14 -27.60 25.08 -25.94
N ARG C 15 -27.24 25.21 -27.20
CA ARG C 15 -25.89 25.74 -27.39
C ARG C 15 -25.69 27.04 -26.62
N ARG C 16 -26.54 28.01 -26.95
CA ARG C 16 -26.56 29.31 -26.30
C ARG C 16 -26.58 29.27 -24.76
N THR C 17 -27.50 28.51 -24.21
CA THR C 17 -27.59 28.40 -22.76
C THR C 17 -26.30 27.82 -22.22
N LEU C 18 -25.83 26.74 -22.83
CA LEU C 18 -24.58 26.12 -22.40
C LEU C 18 -23.43 27.12 -22.38
N MET C 19 -23.34 27.96 -23.40
CA MET C 19 -22.28 28.96 -23.44
C MET C 19 -22.38 29.97 -22.30
N LEU C 20 -23.55 30.56 -22.15
CA LEU C 20 -23.76 31.50 -21.05
C LEU C 20 -23.40 30.85 -19.71
N LEU C 21 -23.75 29.57 -19.56
CA LEU C 21 -23.50 28.89 -18.31
C LEU C 21 -22.02 28.77 -18.02
N ALA C 22 -21.27 28.36 -19.04
CA ALA C 22 -19.84 28.14 -18.89
C ALA C 22 -19.23 29.47 -18.55
N GLN C 23 -19.85 30.54 -19.00
CA GLN C 23 -19.26 31.84 -18.75
C GLN C 23 -19.67 32.46 -17.42
N MET C 24 -20.74 31.95 -16.80
CA MET C 24 -21.19 32.50 -15.52
C MET C 24 -20.28 32.10 -14.38
N SER C 25 -19.33 31.23 -14.66
CA SER C 25 -18.48 30.72 -13.60
C SER C 25 -17.70 31.84 -12.91
N ARG C 26 -17.58 31.75 -11.58
CA ARG C 26 -16.90 32.77 -10.79
C ARG C 26 -15.71 32.20 -10.02
N ILE C 27 -15.86 30.94 -9.60
CA ILE C 27 -14.83 30.20 -8.89
C ILE C 27 -14.36 29.07 -9.83
N SER C 28 -13.14 28.57 -9.64
CA SER C 28 -12.71 27.43 -10.43
C SER C 28 -13.12 26.15 -9.72
N PRO C 29 -13.72 25.23 -10.48
CA PRO C 29 -14.13 23.94 -9.92
C PRO C 29 -12.95 23.23 -9.31
N SER C 30 -11.74 23.56 -9.78
CA SER C 30 -10.52 22.94 -9.27
C SER C 30 -10.21 23.37 -7.83
N SER C 31 -11.02 24.29 -7.31
CA SER C 31 -10.92 24.77 -5.94
C SER C 31 -11.99 24.16 -5.06
N CYS C 32 -12.91 23.44 -5.70
CA CYS C 32 -14.09 22.88 -5.05
C CYS C 32 -14.00 21.36 -5.11
N LEU C 33 -12.95 20.81 -4.52
CA LEU C 33 -12.68 19.38 -4.66
C LEU C 33 -13.54 18.48 -3.79
N MET C 34 -14.25 19.08 -2.86
CA MET C 34 -15.07 18.29 -1.97
C MET C 34 -16.53 18.73 -1.96
N ASP C 35 -17.00 19.19 -3.11
CA ASP C 35 -18.34 19.74 -3.19
C ASP C 35 -19.26 19.02 -4.17
N ARG C 36 -18.72 18.54 -5.29
CA ARG C 36 -19.55 17.92 -6.32
C ARG C 36 -20.43 16.80 -5.75
N HIS C 37 -21.57 16.62 -6.39
CA HIS C 37 -22.59 15.68 -5.97
C HIS C 37 -23.33 15.11 -7.19
N ASP C 38 -23.64 13.82 -7.14
CA ASP C 38 -24.43 13.17 -8.19
C ASP C 38 -25.91 13.26 -7.82
N PHE C 39 -26.67 14.01 -8.61
CA PHE C 39 -28.03 14.37 -8.22
C PHE C 39 -29.06 13.39 -8.72
N GLY C 40 -28.61 12.36 -9.42
CA GLY C 40 -29.51 11.36 -9.94
C GLY C 40 -30.33 11.84 -11.12
N PHE C 41 -29.72 12.66 -11.97
CA PHE C 41 -30.40 13.11 -13.17
C PHE C 41 -31.05 11.91 -13.87
N PRO C 42 -32.38 11.99 -14.11
CA PRO C 42 -33.12 10.86 -14.69
C PRO C 42 -32.93 10.82 -16.20
N GLN C 43 -31.69 10.58 -16.60
CA GLN C 43 -31.28 10.56 -18.00
C GLN C 43 -32.20 9.69 -18.87
N GLU C 44 -32.73 8.62 -18.28
CA GLU C 44 -33.53 7.64 -19.02
C GLU C 44 -34.79 8.24 -19.65
N GLU C 45 -35.27 9.35 -19.10
CA GLU C 45 -36.48 9.97 -19.60
C GLU C 45 -36.24 10.84 -20.85
N PHE C 46 -34.98 10.93 -21.29
CA PHE C 46 -34.63 11.73 -22.45
C PHE C 46 -34.11 10.86 -23.60
N PRO C 55 -37.65 12.00 -27.03
CA PRO C 55 -37.83 12.70 -25.75
C PRO C 55 -39.10 13.52 -25.80
N ALA C 56 -40.04 13.30 -24.89
CA ALA C 56 -41.32 14.02 -24.93
C ALA C 56 -41.17 15.51 -24.61
N ILE C 57 -41.87 16.34 -25.36
CA ILE C 57 -41.71 17.79 -25.24
C ILE C 57 -42.21 18.33 -23.90
N SER C 58 -43.26 17.71 -23.38
CA SER C 58 -43.82 18.10 -22.08
C SER C 58 -42.74 18.15 -21.03
N VAL C 59 -41.72 17.34 -21.24
CA VAL C 59 -40.67 17.11 -20.25
C VAL C 59 -39.41 17.89 -20.56
N LEU C 60 -39.15 18.14 -21.84
CA LEU C 60 -38.22 19.18 -22.23
C LEU C 60 -38.66 20.47 -21.59
N HIS C 61 -39.94 20.78 -21.76
CA HIS C 61 -40.53 21.99 -21.21
C HIS C 61 -40.27 22.04 -19.70
N GLU C 62 -40.58 20.95 -19.02
CA GLU C 62 -40.44 20.91 -17.58
C GLU C 62 -38.98 21.15 -17.18
N LEU C 63 -38.06 20.60 -17.96
CA LEU C 63 -36.63 20.79 -17.71
C LEU C 63 -36.32 22.29 -17.74
N ILE C 64 -36.58 22.90 -18.89
CA ILE C 64 -36.32 24.32 -19.03
C ILE C 64 -37.07 25.10 -17.95
N GLN C 65 -38.32 24.71 -17.72
CA GLN C 65 -39.16 25.40 -16.77
C GLN C 65 -38.46 25.40 -15.39
N GLN C 66 -37.95 24.24 -14.99
CA GLN C 66 -37.34 24.13 -13.67
C GLN C 66 -36.05 24.92 -13.59
N ILE C 67 -35.21 24.78 -14.60
CA ILE C 67 -33.97 25.56 -14.68
C ILE C 67 -34.32 27.05 -14.52
N PHE C 68 -35.43 27.46 -15.10
CA PHE C 68 -35.80 28.85 -15.08
C PHE C 68 -36.20 29.26 -13.65
N ASN C 69 -36.98 28.43 -12.96
CA ASN C 69 -37.34 28.73 -11.58
C ASN C 69 -36.06 28.84 -10.76
N LEU C 70 -35.15 27.92 -11.04
CA LEU C 70 -33.94 27.79 -10.26
C LEU C 70 -33.08 29.05 -10.28
N PHE C 71 -32.91 29.63 -11.47
CA PHE C 71 -31.98 30.74 -11.68
C PHE C 71 -32.61 32.14 -11.60
N THR C 72 -33.90 32.22 -11.28
CA THR C 72 -34.53 33.53 -11.18
C THR C 72 -34.90 33.85 -9.74
N THR C 73 -34.32 33.10 -8.81
CA THR C 73 -34.48 33.41 -7.41
C THR C 73 -33.60 34.59 -6.98
N LYS C 74 -33.86 35.05 -5.77
CA LYS C 74 -33.06 36.09 -5.17
C LYS C 74 -31.67 35.54 -4.87
N ASP C 75 -31.60 34.33 -4.32
CA ASP C 75 -30.31 33.64 -4.10
C ASP C 75 -29.50 33.54 -5.40
N SER C 76 -30.15 33.14 -6.49
CA SER C 76 -29.50 33.10 -7.80
C SER C 76 -28.90 34.43 -8.23
N SER C 77 -29.71 35.46 -8.17
CA SER C 77 -29.27 36.83 -8.48
C SER C 77 -28.10 37.25 -7.58
N ALA C 78 -28.00 36.67 -6.38
CA ALA C 78 -26.91 36.99 -5.46
C ALA C 78 -25.61 36.40 -5.96
N ALA C 79 -25.71 35.19 -6.51
CA ALA C 79 -24.55 34.39 -6.87
C ALA C 79 -23.94 34.77 -8.21
N TRP C 80 -24.78 35.13 -9.17
CA TRP C 80 -24.29 35.35 -10.53
C TRP C 80 -24.26 36.80 -11.01
N ASP C 81 -23.41 37.05 -12.00
CA ASP C 81 -23.29 38.36 -12.65
C ASP C 81 -24.64 38.83 -13.18
N GLU C 82 -24.93 40.12 -13.00
CA GLU C 82 -26.15 40.70 -13.55
C GLU C 82 -26.28 40.44 -15.08
N ASP C 83 -25.38 41.03 -15.88
CA ASP C 83 -25.52 40.96 -17.33
C ASP C 83 -25.68 39.51 -17.80
N LEU C 84 -24.70 38.66 -17.47
CA LEU C 84 -24.72 37.27 -17.89
C LEU C 84 -26.05 36.61 -17.56
N LEU C 85 -26.43 36.71 -16.29
CA LEU C 85 -27.62 36.04 -15.79
C LEU C 85 -28.89 36.47 -16.50
N ASP C 86 -28.94 37.74 -16.91
CA ASP C 86 -30.10 38.25 -17.63
C ASP C 86 -30.22 37.65 -19.02
N LYS C 87 -29.12 37.66 -19.75
CA LYS C 87 -29.05 37.02 -21.05
C LYS C 87 -29.46 35.57 -20.90
N PHE C 88 -28.90 34.91 -19.90
CA PHE C 88 -29.18 33.51 -19.67
C PHE C 88 -30.67 33.29 -19.45
N CYS C 89 -31.27 34.16 -18.64
CA CYS C 89 -32.66 33.98 -18.26
C CYS C 89 -33.61 34.31 -19.38
N THR C 90 -33.28 35.33 -20.16
CA THR C 90 -34.15 35.67 -21.26
C THR C 90 -34.10 34.59 -22.33
N GLU C 91 -32.94 33.95 -22.50
CA GLU C 91 -32.84 32.83 -23.42
C GLU C 91 -33.79 31.73 -22.99
N LEU C 92 -33.64 31.31 -21.73
CA LEU C 92 -34.55 30.33 -21.17
C LEU C 92 -35.97 30.78 -21.43
N TYR C 93 -36.20 32.09 -21.30
CA TYR C 93 -37.54 32.65 -21.48
C TYR C 93 -38.12 32.33 -22.87
N GLN C 94 -37.35 32.59 -23.93
CA GLN C 94 -37.81 32.31 -25.27
C GLN C 94 -37.94 30.82 -25.49
N GLN C 95 -36.91 30.07 -25.10
CA GLN C 95 -36.95 28.61 -25.16
C GLN C 95 -38.31 28.18 -24.63
N LEU C 96 -38.69 28.72 -23.48
CA LEU C 96 -39.94 28.37 -22.84
C LEU C 96 -41.15 28.67 -23.71
N ASN C 97 -41.25 29.90 -24.19
CA ASN C 97 -42.35 30.32 -25.08
C ASN C 97 -42.43 29.43 -26.30
N ASP C 98 -41.29 29.23 -26.96
CA ASP C 98 -41.27 28.37 -28.13
C ASP C 98 -41.80 27.00 -27.79
N LEU C 99 -41.25 26.41 -26.73
CA LEU C 99 -41.64 25.08 -26.28
C LEU C 99 -43.15 25.03 -26.09
N GLU C 100 -43.70 26.16 -25.66
CA GLU C 100 -45.00 26.23 -25.03
C GLU C 100 -46.10 26.17 -26.07
N ALA C 101 -45.81 26.80 -27.21
CA ALA C 101 -46.64 26.68 -28.39
C ALA C 101 -46.91 25.20 -28.66
N CYS C 102 -45.83 24.47 -28.95
CA CYS C 102 -45.92 23.09 -29.41
C CYS C 102 -46.49 22.10 -28.39
N VAL C 103 -46.59 22.51 -27.12
CA VAL C 103 -47.29 21.65 -26.17
C VAL C 103 -48.80 21.94 -26.14
N MET C 104 -49.42 21.68 -27.28
CA MET C 104 -50.86 21.55 -27.40
C MET C 104 -51.19 20.10 -27.74
N ASN C 116 -45.21 9.79 -19.14
CA ASN C 116 -45.16 11.25 -19.25
C ASN C 116 -45.39 12.02 -17.93
N ALA C 117 -46.38 11.63 -17.14
CA ALA C 117 -46.55 12.27 -15.83
C ALA C 117 -45.49 11.74 -14.89
N ASP C 118 -45.20 10.45 -15.03
CA ASP C 118 -44.11 9.81 -14.31
C ASP C 118 -42.82 10.59 -14.53
N SER C 119 -42.52 10.84 -15.81
CA SER C 119 -41.30 11.53 -16.19
C SER C 119 -41.24 12.94 -15.64
N ILE C 120 -42.32 13.69 -15.82
CA ILE C 120 -42.34 15.09 -15.37
C ILE C 120 -42.09 15.20 -13.86
N LEU C 121 -42.43 14.12 -13.15
CA LEU C 121 -42.24 14.04 -11.71
C LEU C 121 -40.78 13.83 -11.35
N ALA C 122 -40.12 12.92 -12.07
CA ALA C 122 -38.72 12.66 -11.84
C ALA C 122 -37.88 13.92 -12.03
N VAL C 123 -38.29 14.77 -12.97
CA VAL C 123 -37.60 16.03 -13.24
C VAL C 123 -37.80 17.00 -12.09
N LYS C 124 -39.02 17.08 -11.57
CA LYS C 124 -39.28 17.94 -10.42
C LYS C 124 -38.50 17.47 -9.20
N LYS C 125 -38.57 16.18 -8.90
CA LYS C 125 -37.79 15.62 -7.80
C LYS C 125 -36.30 16.00 -7.91
N TYR C 126 -35.69 15.67 -9.05
CA TYR C 126 -34.31 15.99 -9.32
C TYR C 126 -34.01 17.42 -8.91
N PHE C 127 -34.86 18.34 -9.35
CA PHE C 127 -34.61 19.75 -9.03
C PHE C 127 -34.78 20.12 -7.57
N ARG C 128 -35.53 19.32 -6.82
CA ARG C 128 -35.61 19.55 -5.38
C ARG C 128 -34.30 19.13 -4.72
N ARG C 129 -33.79 17.95 -5.11
CA ARG C 129 -32.50 17.47 -4.62
C ARG C 129 -31.50 18.60 -4.77
N ILE C 130 -31.60 19.31 -5.89
CA ILE C 130 -30.70 20.43 -6.13
C ILE C 130 -30.84 21.58 -5.12
N THR C 131 -32.06 22.04 -4.88
CA THR C 131 -32.22 23.15 -3.94
C THR C 131 -31.88 22.70 -2.51
N LEU C 132 -32.30 21.48 -2.16
CA LEU C 132 -31.88 20.84 -0.91
C LEU C 132 -30.37 20.95 -0.73
N TYR C 133 -29.66 20.45 -1.72
CA TYR C 133 -28.23 20.60 -1.76
C TYR C 133 -27.84 22.04 -1.45
N LEU C 134 -28.37 22.99 -2.21
CA LEU C 134 -27.96 24.38 -2.07
C LEU C 134 -28.20 24.92 -0.68
N THR C 135 -29.32 24.48 -0.10
CA THR C 135 -29.68 24.85 1.24
C THR C 135 -28.65 24.28 2.23
N GLU C 136 -28.38 22.97 2.12
CA GLU C 136 -27.39 22.29 2.98
C GLU C 136 -26.04 22.99 2.99
N LYS C 137 -25.67 23.52 1.84
CA LYS C 137 -24.35 24.07 1.65
C LYS C 137 -24.40 25.55 1.82
N LYS C 138 -25.51 26.03 2.33
CA LYS C 138 -25.64 27.44 2.63
C LYS C 138 -25.36 28.29 1.39
N TYR C 139 -25.75 27.78 0.23
CA TYR C 139 -25.65 28.53 -1.03
C TYR C 139 -24.24 29.08 -1.22
N SER C 140 -23.23 28.26 -0.92
CA SER C 140 -21.84 28.69 -1.04
C SER C 140 -21.39 28.75 -2.49
N PRO C 141 -20.41 29.61 -2.78
CA PRO C 141 -19.91 29.81 -4.16
C PRO C 141 -19.54 28.48 -4.80
N CYS C 142 -18.84 27.65 -4.03
CA CYS C 142 -18.48 26.32 -4.46
C CYS C 142 -19.67 25.44 -4.80
N ALA C 143 -20.72 25.53 -3.98
CA ALA C 143 -21.99 24.81 -4.21
C ALA C 143 -22.64 25.26 -5.51
N TRP C 144 -22.57 26.56 -5.75
CA TRP C 144 -23.17 27.18 -6.92
C TRP C 144 -22.47 26.71 -8.19
N GLU C 145 -21.14 26.58 -8.11
CA GLU C 145 -20.40 26.08 -9.26
C GLU C 145 -20.82 24.66 -9.54
N VAL C 146 -20.90 23.85 -8.49
CA VAL C 146 -21.30 22.46 -8.69
C VAL C 146 -22.59 22.40 -9.51
N VAL C 147 -23.53 23.24 -9.11
CA VAL C 147 -24.87 23.31 -9.69
C VAL C 147 -24.89 23.81 -11.13
N ARG C 148 -24.32 24.99 -11.37
CA ARG C 148 -24.10 25.50 -12.73
C ARG C 148 -23.65 24.39 -13.66
N ALA C 149 -22.56 23.74 -13.28
CA ALA C 149 -21.99 22.66 -14.08
C ALA C 149 -23.01 21.53 -14.20
N GLU C 150 -23.70 21.25 -13.11
CA GLU C 150 -24.66 20.15 -13.15
C GLU C 150 -25.75 20.41 -14.19
N ILE C 151 -26.27 21.63 -14.22
CA ILE C 151 -27.21 21.99 -15.25
C ILE C 151 -26.60 21.79 -16.65
N MET C 152 -25.42 22.36 -16.91
CA MET C 152 -24.71 22.12 -18.18
C MET C 152 -24.77 20.65 -18.62
N ARG C 153 -24.46 19.78 -17.68
CA ARG C 153 -24.50 18.35 -17.92
C ARG C 153 -25.89 17.86 -18.35
N SER C 154 -26.89 18.23 -17.56
CA SER C 154 -28.30 17.86 -17.83
C SER C 154 -28.79 18.41 -19.17
N LEU C 155 -28.54 19.69 -19.41
CA LEU C 155 -28.77 20.31 -20.70
C LEU C 155 -28.17 19.51 -21.88
N SER C 156 -26.88 19.22 -21.79
CA SER C 156 -26.20 18.52 -22.88
C SER C 156 -26.67 17.07 -23.02
N LEU C 157 -27.20 16.54 -21.93
CA LEU C 157 -27.69 15.16 -21.96
C LEU C 157 -29.16 15.08 -22.34
N SER C 158 -29.81 16.23 -22.53
CA SER C 158 -31.24 16.24 -22.79
C SER C 158 -31.51 16.16 -24.28
N THR C 159 -30.62 16.76 -25.06
CA THR C 159 -30.71 16.65 -26.51
C THR C 159 -30.55 15.19 -26.97
N ILE D 4 -13.07 4.65 3.32
CA ILE D 4 -13.73 3.38 3.66
C ILE D 4 -13.23 2.35 2.69
N VAL D 5 -13.82 1.17 2.70
CA VAL D 5 -13.54 0.24 1.62
C VAL D 5 -14.69 0.32 0.65
N LEU D 6 -14.44 -0.18 -0.56
CA LEU D 6 -15.39 -0.15 -1.62
C LEU D 6 -14.92 -1.30 -2.42
N THR D 7 -15.75 -2.29 -2.71
CA THR D 7 -15.21 -3.57 -3.05
C THR D 7 -15.48 -4.14 -4.44
N GLN D 8 -14.45 -4.71 -5.05
CA GLN D 8 -14.73 -5.37 -6.33
C GLN D 8 -14.25 -6.81 -6.29
N PRO D 9 -14.78 -7.63 -7.21
CA PRO D 9 -14.31 -9.01 -7.31
C PRO D 9 -12.85 -9.01 -7.78
N PRO D 10 -11.97 -9.67 -7.01
CA PRO D 10 -10.53 -9.69 -7.30
C PRO D 10 -10.24 -10.15 -8.72
N SER D 11 -11.00 -11.12 -9.22
CA SER D 11 -10.83 -11.59 -10.60
C SER D 11 -12.13 -11.98 -11.28
N VAL D 12 -12.15 -11.82 -12.58
CA VAL D 12 -13.28 -12.20 -13.43
C VAL D 12 -12.66 -12.64 -14.75
N SER D 13 -13.25 -13.63 -15.39
CA SER D 13 -12.80 -13.95 -16.73
C SER D 13 -13.97 -14.21 -17.64
N GLY D 14 -13.72 -14.14 -18.94
CA GLY D 14 -14.71 -14.51 -19.93
C GLY D 14 -14.01 -14.99 -21.19
N ALA D 15 -14.77 -15.60 -22.09
CA ALA D 15 -14.26 -15.98 -23.39
C ALA D 15 -14.48 -14.82 -24.35
N PRO D 16 -13.72 -14.79 -25.46
CA PRO D 16 -13.89 -13.72 -26.45
C PRO D 16 -15.36 -13.65 -26.90
N GLY D 17 -15.84 -12.45 -27.23
CA GLY D 17 -17.21 -12.28 -27.66
C GLY D 17 -18.21 -12.37 -26.52
N GLN D 18 -17.76 -12.85 -25.37
CA GLN D 18 -18.59 -12.89 -24.17
C GLN D 18 -18.88 -11.46 -23.68
N ARG D 19 -19.80 -11.35 -22.74
CA ARG D 19 -20.06 -10.10 -22.06
C ARG D 19 -19.88 -10.36 -20.57
N VAL D 20 -19.15 -9.50 -19.90
CA VAL D 20 -18.88 -9.71 -18.47
C VAL D 20 -19.07 -8.43 -17.69
N THR D 21 -19.36 -8.59 -16.41
CA THR D 21 -19.66 -7.45 -15.56
C THR D 21 -18.76 -7.40 -14.33
N ILE D 22 -18.39 -6.19 -13.97
CA ILE D 22 -17.52 -5.98 -12.83
C ILE D 22 -18.19 -5.07 -11.80
N SER D 23 -18.46 -5.62 -10.62
CA SER D 23 -19.17 -4.88 -9.58
C SER D 23 -18.27 -4.02 -8.71
N CYS D 24 -18.83 -2.89 -8.28
CA CYS D 24 -18.18 -2.00 -7.35
C CYS D 24 -19.22 -1.71 -6.27
N SER D 25 -18.97 -2.19 -5.05
CA SER D 25 -19.92 -2.04 -3.98
C SER D 25 -19.37 -1.13 -2.89
N GLY D 26 -20.01 0.00 -2.66
CA GLY D 26 -19.53 0.93 -1.66
C GLY D 26 -20.57 1.34 -0.63
N SER D 27 -20.16 2.22 0.26
CA SER D 27 -21.08 2.88 1.16
C SER D 27 -21.84 3.96 0.37
N SER D 28 -22.68 4.72 1.06
CA SER D 28 -23.42 5.79 0.41
C SER D 28 -22.78 7.12 0.73
N SER D 29 -21.76 7.10 1.57
CA SER D 29 -20.96 8.28 1.84
C SER D 29 -20.12 8.57 0.61
N ASN D 30 -19.96 7.53 -0.20
CA ASN D 30 -19.21 7.63 -1.45
C ASN D 30 -20.13 7.40 -2.65
N ILE D 31 -20.32 6.13 -3.02
CA ILE D 31 -21.08 5.83 -4.23
C ILE D 31 -22.51 6.38 -4.21
N GLY D 32 -23.20 6.28 -3.08
CA GLY D 32 -24.53 6.82 -2.97
C GLY D 32 -24.57 8.31 -3.24
N SER D 33 -23.53 9.01 -2.80
CA SER D 33 -23.48 10.48 -2.88
C SER D 33 -22.84 11.04 -4.14
N ASN D 34 -21.98 10.25 -4.77
CA ASN D 34 -21.03 10.83 -5.73
C ASN D 34 -20.90 10.14 -7.08
N TYR D 35 -20.43 10.89 -8.07
CA TYR D 35 -20.20 10.30 -9.39
C TYR D 35 -19.05 9.32 -9.35
N VAL D 36 -19.21 8.20 -10.06
CA VAL D 36 -18.21 7.15 -10.13
C VAL D 36 -17.42 7.14 -11.46
N SER D 37 -16.11 6.90 -11.37
CA SER D 37 -15.27 6.68 -12.56
C SER D 37 -14.59 5.29 -12.57
N TRP D 38 -14.31 4.77 -13.76
CA TRP D 38 -13.56 3.52 -13.92
C TRP D 38 -12.23 3.73 -14.63
N TYR D 39 -11.22 2.97 -14.22
CA TYR D 39 -9.92 3.05 -14.86
C TYR D 39 -9.47 1.71 -15.36
N GLN D 40 -8.76 1.71 -16.48
CA GLN D 40 -8.22 0.47 -17.02
C GLN D 40 -6.71 0.51 -16.91
N GLN D 41 -6.11 -0.61 -16.52
CA GLN D 41 -4.65 -0.70 -16.50
C GLN D 41 -4.11 -1.96 -17.15
N LEU D 42 -3.53 -1.80 -18.34
CA LEU D 42 -2.85 -2.89 -19.01
C LEU D 42 -1.53 -3.15 -18.29
N PRO D 43 -0.98 -4.36 -18.42
CA PRO D 43 0.29 -4.71 -17.80
C PRO D 43 1.40 -3.74 -18.17
N GLY D 44 2.03 -3.11 -17.19
CA GLY D 44 3.15 -2.22 -17.46
C GLY D 44 2.76 -0.76 -17.67
N THR D 45 1.56 -0.53 -18.19
CA THR D 45 1.08 0.83 -18.46
C THR D 45 0.51 1.55 -17.22
N ALA D 46 0.48 2.87 -17.30
CA ALA D 46 -0.26 3.68 -16.33
C ALA D 46 -1.75 3.47 -16.55
N PRO D 47 -2.55 3.64 -15.50
CA PRO D 47 -3.99 3.50 -15.73
C PRO D 47 -4.47 4.55 -16.73
N LYS D 48 -5.44 4.19 -17.54
CA LYS D 48 -6.12 5.18 -18.39
C LYS D 48 -7.59 5.22 -18.02
N LEU D 49 -8.17 6.42 -18.02
CA LEU D 49 -9.60 6.59 -17.74
C LEU D 49 -10.47 5.87 -18.76
N LEU D 50 -11.52 5.21 -18.27
CA LEU D 50 -12.37 4.36 -19.09
C LEU D 50 -13.85 4.81 -19.07
N ILE D 51 -14.32 5.22 -17.89
CA ILE D 51 -15.71 5.65 -17.68
C ILE D 51 -15.74 6.73 -16.61
N TYR D 52 -16.52 7.78 -16.82
CA TYR D 52 -16.63 8.84 -15.82
C TYR D 52 -18.08 9.26 -15.65
N ASP D 53 -18.36 10.00 -14.59
CA ASP D 53 -19.74 10.37 -14.26
C ASP D 53 -20.68 9.19 -14.51
N ASN D 54 -20.37 8.08 -13.85
CA ASN D 54 -21.20 6.87 -13.87
C ASN D 54 -21.25 6.08 -15.18
N ASN D 55 -21.59 6.77 -16.25
CA ASN D 55 -21.92 6.08 -17.49
C ASN D 55 -21.36 6.78 -18.70
N GLN D 56 -20.59 7.85 -18.48
CA GLN D 56 -20.03 8.61 -19.59
C GLN D 56 -18.69 8.04 -20.05
N ARG D 57 -18.44 8.09 -21.34
CA ARG D 57 -17.27 7.47 -21.98
C ARG D 57 -16.34 8.45 -22.64
N PRO D 58 -15.06 8.32 -22.42
CA PRO D 58 -14.14 9.30 -22.93
C PRO D 58 -13.88 9.19 -24.42
N SER D 59 -13.39 10.26 -25.02
CA SER D 59 -13.06 10.27 -26.41
C SER D 59 -13.07 8.87 -26.99
N GLY D 60 -11.92 8.26 -27.15
CA GLY D 60 -11.80 7.06 -27.94
C GLY D 60 -11.94 5.70 -27.30
N VAL D 61 -12.70 5.61 -26.26
CA VAL D 61 -13.06 4.33 -25.66
C VAL D 61 -14.14 3.60 -26.49
N PRO D 62 -13.86 2.35 -26.90
CA PRO D 62 -14.89 1.56 -27.60
C PRO D 62 -16.21 1.63 -26.83
N ASP D 63 -17.31 1.29 -27.46
CA ASP D 63 -18.60 1.43 -26.79
C ASP D 63 -19.13 0.13 -26.18
N ARG D 64 -18.31 -0.93 -26.25
CA ARG D 64 -18.69 -2.16 -25.59
C ARG D 64 -18.48 -1.99 -24.09
N PHE D 65 -17.88 -0.85 -23.73
CA PHE D 65 -17.73 -0.45 -22.32
C PHE D 65 -18.85 0.49 -21.89
N SER D 66 -19.52 0.14 -20.80
CA SER D 66 -20.61 0.97 -20.30
C SER D 66 -20.59 0.97 -18.77
N GLY D 67 -21.00 2.10 -18.18
CA GLY D 67 -21.05 2.22 -16.72
C GLY D 67 -22.47 2.31 -16.25
N SER D 68 -22.72 1.98 -14.98
CA SER D 68 -24.06 2.03 -14.41
C SER D 68 -23.92 2.29 -12.92
N LYS D 69 -24.89 2.98 -12.33
CA LYS D 69 -24.89 3.20 -10.88
C LYS D 69 -26.27 2.86 -10.36
N SER D 70 -26.32 2.26 -9.18
CA SER D 70 -27.60 1.80 -8.66
C SER D 70 -27.62 1.90 -7.13
N GLY D 71 -28.01 3.07 -6.65
CA GLY D 71 -28.02 3.36 -5.23
C GLY D 71 -26.61 3.45 -4.72
N THR D 72 -26.05 2.29 -4.36
CA THR D 72 -24.84 2.28 -3.58
C THR D 72 -23.75 1.38 -4.19
N SER D 73 -23.98 0.94 -5.42
CA SER D 73 -23.00 0.14 -6.11
C SER D 73 -22.89 0.58 -7.57
N ALA D 74 -21.68 0.50 -8.12
CA ALA D 74 -21.44 0.75 -9.55
C ALA D 74 -21.18 -0.57 -10.28
N SER D 75 -21.28 -0.54 -11.60
CA SER D 75 -21.06 -1.74 -12.38
C SER D 75 -20.49 -1.41 -13.75
N LEU D 76 -19.34 -1.99 -14.06
CA LEU D 76 -18.74 -1.89 -15.38
C LEU D 76 -19.16 -3.09 -16.19
N ALA D 77 -19.60 -2.85 -17.41
CA ALA D 77 -20.02 -3.93 -18.28
C ALA D 77 -19.22 -3.85 -19.57
N ILE D 78 -18.60 -4.98 -19.95
CA ILE D 78 -17.95 -5.11 -21.25
C ILE D 78 -18.67 -6.15 -22.08
N THR D 79 -18.99 -5.79 -23.32
CA THR D 79 -19.54 -6.75 -24.26
C THR D 79 -18.47 -7.09 -25.30
N GLY D 80 -18.81 -7.98 -26.23
CA GLY D 80 -17.93 -8.33 -27.32
C GLY D 80 -16.50 -8.43 -26.86
N LEU D 81 -16.35 -9.10 -25.71
CA LEU D 81 -15.07 -9.25 -25.04
C LEU D 81 -13.93 -9.59 -25.98
N GLN D 82 -12.76 -8.99 -25.74
CA GLN D 82 -11.61 -9.22 -26.61
C GLN D 82 -10.32 -9.39 -25.81
N SER D 83 -9.42 -10.23 -26.32
CA SER D 83 -8.17 -10.53 -25.62
C SER D 83 -7.37 -9.31 -25.17
N GLU D 84 -7.59 -8.16 -25.81
CA GLU D 84 -6.84 -6.94 -25.46
C GLU D 84 -7.46 -6.23 -24.28
N ASP D 85 -8.57 -6.77 -23.79
CA ASP D 85 -9.25 -6.19 -22.65
C ASP D 85 -8.70 -6.78 -21.35
N GLU D 86 -7.84 -7.78 -21.49
CA GLU D 86 -7.15 -8.31 -20.33
C GLU D 86 -6.37 -7.20 -19.65
N ALA D 87 -6.82 -6.84 -18.45
CA ALA D 87 -6.23 -5.77 -17.69
C ALA D 87 -6.80 -5.79 -16.29
N ASP D 88 -6.33 -4.88 -15.44
CA ASP D 88 -6.94 -4.66 -14.14
C ASP D 88 -7.92 -3.53 -14.34
N TYR D 89 -9.07 -3.64 -13.68
CA TYR D 89 -10.08 -2.56 -13.74
C TYR D 89 -10.40 -2.02 -12.34
N TYR D 90 -10.31 -0.69 -12.20
CA TYR D 90 -10.61 -0.03 -10.93
C TYR D 90 -11.77 0.98 -10.98
N CYS D 91 -12.67 0.89 -10.01
CA CYS D 91 -13.65 1.94 -9.78
C CYS D 91 -13.03 2.98 -8.87
N GLN D 92 -13.60 4.18 -8.89
CA GLN D 92 -13.04 5.26 -8.08
C GLN D 92 -14.14 6.25 -7.74
N VAL D 93 -14.06 6.86 -6.58
CA VAL D 93 -15.06 7.83 -6.14
C VAL D 93 -14.56 8.58 -4.92
N ARG D 94 -15.11 9.76 -4.68
CA ARG D 94 -14.78 10.49 -3.44
C ARG D 94 -15.65 9.95 -2.30
N ASP D 95 -15.12 9.97 -1.08
CA ASP D 95 -15.91 9.61 0.08
C ASP D 95 -16.16 10.88 0.87
N ASN D 96 -17.42 11.25 0.99
CA ASN D 96 -17.78 12.48 1.65
C ASN D 96 -17.47 12.51 3.14
N ASN D 97 -17.38 11.33 3.75
CA ASN D 97 -17.06 11.23 5.17
C ASN D 97 -15.63 11.60 5.49
N GLU D 98 -14.70 10.95 4.80
CA GLU D 98 -13.28 11.06 5.13
C GLU D 98 -12.59 12.22 4.44
N ASN D 99 -13.30 12.86 3.52
CA ASN D 99 -12.68 13.83 2.65
C ASN D 99 -11.49 13.22 1.93
N GLU D 100 -11.75 12.11 1.25
CA GLU D 100 -10.70 11.38 0.56
C GLU D 100 -11.22 10.75 -0.74
N TRP D 101 -10.34 10.58 -1.71
CA TRP D 101 -10.67 9.77 -2.87
C TRP D 101 -10.33 8.33 -2.53
N VAL D 102 -10.92 7.40 -3.27
CA VAL D 102 -10.71 5.98 -3.03
C VAL D 102 -10.94 5.10 -4.25
N PHE D 103 -10.06 4.12 -4.43
CA PHE D 103 -10.13 3.11 -5.49
C PHE D 103 -10.60 1.80 -4.90
N GLY D 104 -11.29 1.00 -5.68
CA GLY D 104 -11.57 -0.36 -5.27
C GLY D 104 -10.30 -1.19 -5.34
N GLY D 105 -10.36 -2.42 -4.85
CA GLY D 105 -9.19 -3.29 -4.83
C GLY D 105 -8.84 -3.80 -6.21
N GLY D 106 -9.61 -3.36 -7.20
CA GLY D 106 -9.37 -3.75 -8.56
C GLY D 106 -9.85 -5.13 -8.92
N THR D 107 -9.93 -5.38 -10.22
CA THR D 107 -10.42 -6.64 -10.75
C THR D 107 -9.53 -7.11 -11.91
N LYS D 108 -8.95 -8.30 -11.80
CA LYS D 108 -8.11 -8.80 -12.86
C LYS D 108 -8.98 -9.54 -13.88
N LEU D 109 -9.20 -8.89 -15.02
CA LEU D 109 -9.97 -9.49 -16.11
C LEU D 109 -9.06 -10.39 -16.94
N THR D 110 -9.38 -11.67 -16.93
CA THR D 110 -8.63 -12.68 -17.67
C THR D 110 -9.46 -13.07 -18.89
N VAL D 111 -8.87 -13.03 -20.07
CA VAL D 111 -9.62 -13.40 -21.28
C VAL D 111 -9.15 -14.73 -21.87
N LEU D 112 -10.07 -15.68 -21.88
CA LEU D 112 -9.85 -16.94 -22.54
C LEU D 112 -9.19 -16.71 -23.90
N GLU D 135 -1.67 15.68 -26.31
CA GLU D 135 -0.59 16.65 -26.30
C GLU D 135 -0.16 16.97 -24.87
N VAL D 136 -0.95 16.51 -23.92
CA VAL D 136 -0.71 16.78 -22.52
C VAL D 136 0.31 15.82 -21.99
N GLN D 137 1.18 16.27 -21.09
CA GLN D 137 2.16 15.35 -20.53
C GLN D 137 2.48 15.49 -19.07
N LEU D 138 2.58 14.34 -18.42
CA LEU D 138 2.96 14.30 -17.03
C LEU D 138 4.18 13.41 -16.93
N VAL D 139 5.21 13.96 -16.30
CA VAL D 139 6.46 13.25 -16.17
C VAL D 139 6.96 13.32 -14.74
N GLU D 140 6.78 12.24 -13.99
CA GLU D 140 7.28 12.23 -12.63
C GLU D 140 8.79 11.86 -12.56
N SER D 141 9.45 12.42 -11.56
CA SER D 141 10.88 12.26 -11.33
C SER D 141 11.11 12.20 -9.83
N GLY D 142 12.37 12.07 -9.42
CA GLY D 142 12.70 12.08 -8.01
C GLY D 142 12.64 10.75 -7.27
N GLY D 143 12.17 9.71 -7.94
CA GLY D 143 12.06 8.38 -7.34
C GLY D 143 13.41 7.84 -6.91
N GLY D 144 13.39 6.75 -6.15
CA GLY D 144 14.63 6.10 -5.74
C GLY D 144 14.57 5.11 -4.58
N LEU D 145 15.73 4.96 -3.94
CA LEU D 145 15.95 3.90 -2.97
C LEU D 145 16.40 4.53 -1.67
N VAL D 146 15.79 4.12 -0.56
CA VAL D 146 16.01 4.78 0.73
C VAL D 146 15.78 3.88 1.94
N GLN D 147 16.39 4.28 3.05
CA GLN D 147 16.28 3.57 4.31
C GLN D 147 14.98 3.98 4.97
N PRO D 148 14.34 3.06 5.71
CA PRO D 148 13.17 3.44 6.49
C PRO D 148 13.47 4.65 7.36
N GLY D 149 12.57 5.63 7.38
CA GLY D 149 12.82 6.86 8.12
C GLY D 149 13.43 7.95 7.25
N GLY D 150 13.76 7.59 6.00
CA GLY D 150 14.32 8.53 5.03
C GLY D 150 13.34 9.54 4.43
N SER D 151 13.82 10.32 3.47
CA SER D 151 13.02 11.37 2.85
C SER D 151 13.26 11.40 1.35
N LEU D 152 12.23 11.79 0.60
CA LEU D 152 12.32 11.93 -0.85
C LEU D 152 11.41 13.06 -1.29
N ARG D 153 11.73 13.68 -2.42
CA ARG D 153 10.86 14.69 -3.02
C ARG D 153 10.52 14.33 -4.46
N LEU D 154 9.23 14.16 -4.73
CA LEU D 154 8.80 13.81 -6.06
C LEU D 154 8.43 15.06 -6.86
N SER D 155 8.80 15.07 -8.13
CA SER D 155 8.36 16.12 -9.02
C SER D 155 7.48 15.51 -10.07
N CYS D 156 6.61 16.33 -10.64
CA CYS D 156 5.86 15.93 -11.80
C CYS D 156 5.87 17.11 -12.73
N ALA D 157 6.48 16.93 -13.91
CA ALA D 157 6.57 18.02 -14.88
C ALA D 157 5.39 17.92 -15.80
N ALA D 158 4.62 19.01 -15.87
CA ALA D 158 3.40 19.01 -16.66
C ALA D 158 3.54 19.92 -17.86
N SER D 159 2.79 19.61 -18.91
CA SER D 159 2.95 20.29 -20.19
C SER D 159 1.78 19.95 -21.09
N GLY D 160 1.47 20.88 -21.99
CA GLY D 160 0.40 20.66 -22.94
C GLY D 160 -0.94 21.17 -22.49
N PHE D 161 -0.99 21.79 -21.31
CA PHE D 161 -2.22 22.38 -20.81
C PHE D 161 -1.97 23.53 -19.85
N THR D 162 -3.00 24.29 -19.56
CA THR D 162 -2.92 25.36 -18.59
C THR D 162 -3.01 24.80 -17.17
N PHE D 163 -1.84 24.62 -16.57
CA PHE D 163 -1.64 23.84 -15.34
C PHE D 163 -2.41 24.36 -14.12
N SER D 164 -2.41 25.67 -13.93
CA SER D 164 -3.11 26.33 -12.83
C SER D 164 -4.58 25.93 -12.74
N SER D 165 -5.14 25.57 -13.87
CA SER D 165 -6.58 25.35 -13.99
C SER D 165 -7.00 23.93 -13.63
N TYR D 166 -6.03 23.11 -13.23
CA TYR D 166 -6.33 21.71 -12.97
C TYR D 166 -5.83 21.29 -11.60
N ALA D 167 -6.67 20.57 -10.87
CA ALA D 167 -6.24 19.98 -9.62
C ALA D 167 -5.39 18.77 -10.01
N MET D 168 -4.46 18.39 -9.14
CA MET D 168 -3.60 17.22 -9.38
C MET D 168 -3.64 16.25 -8.20
N SER D 169 -3.19 15.03 -8.43
CA SER D 169 -3.11 14.06 -7.35
C SER D 169 -1.86 13.23 -7.50
N TRP D 170 -1.54 12.52 -6.42
CA TRP D 170 -0.54 11.47 -6.47
C TRP D 170 -1.25 10.18 -6.14
N VAL D 171 -0.92 9.12 -6.86
CA VAL D 171 -1.52 7.82 -6.64
C VAL D 171 -0.43 6.78 -6.76
N ARG D 172 -0.40 5.87 -5.80
CA ARG D 172 0.66 4.88 -5.80
C ARG D 172 0.13 3.48 -5.97
N GLN D 173 0.97 2.62 -6.53
CA GLN D 173 0.70 1.20 -6.57
C GLN D 173 1.88 0.47 -5.97
N ALA D 174 1.63 -0.25 -4.90
CA ALA D 174 2.69 -1.03 -4.27
C ALA D 174 2.91 -2.27 -5.08
N PRO D 175 4.08 -2.90 -4.91
CA PRO D 175 4.42 -4.17 -5.54
C PRO D 175 3.30 -5.19 -5.37
N GLY D 176 2.67 -5.59 -6.47
CA GLY D 176 1.69 -6.65 -6.45
C GLY D 176 0.33 -6.25 -5.94
N LYS D 177 0.16 -4.97 -5.63
CA LYS D 177 -1.14 -4.50 -5.14
C LYS D 177 -1.83 -3.56 -6.13
N GLY D 178 -3.02 -3.11 -5.73
CA GLY D 178 -3.82 -2.23 -6.57
C GLY D 178 -3.64 -0.77 -6.20
N LEU D 179 -4.31 0.12 -6.94
CA LEU D 179 -4.15 1.56 -6.76
C LEU D 179 -4.55 2.08 -5.39
N GLU D 180 -3.82 3.09 -4.92
CA GLU D 180 -4.13 3.73 -3.66
C GLU D 180 -3.90 5.23 -3.77
N TRP D 181 -4.96 6.00 -3.57
CA TRP D 181 -4.85 7.45 -3.62
C TRP D 181 -4.08 7.93 -2.40
N VAL D 182 -3.29 8.97 -2.58
CA VAL D 182 -2.32 9.40 -1.58
C VAL D 182 -2.61 10.83 -1.15
N SER D 183 -2.62 11.71 -2.13
CA SER D 183 -2.71 13.13 -1.86
C SER D 183 -3.38 13.80 -3.04
N ALA D 184 -3.90 15.00 -2.80
CA ALA D 184 -4.49 15.82 -3.85
C ALA D 184 -4.28 17.28 -3.51
N ILE D 185 -4.30 18.14 -4.51
CA ILE D 185 -4.11 19.56 -4.30
C ILE D 185 -4.88 20.40 -5.35
N SER D 186 -5.53 21.46 -4.90
CA SER D 186 -6.37 22.28 -5.77
C SER D 186 -5.55 23.05 -6.79
N GLY D 187 -6.23 23.57 -7.81
CA GLY D 187 -5.59 24.34 -8.86
C GLY D 187 -4.73 25.47 -8.29
N SER D 188 -5.28 26.21 -7.32
CA SER D 188 -4.59 27.31 -6.67
C SER D 188 -3.44 26.79 -5.82
N GLY D 189 -3.76 25.84 -4.95
CA GLY D 189 -2.80 25.37 -3.98
C GLY D 189 -3.35 25.49 -2.57
N GLY D 190 -4.43 26.25 -2.40
CA GLY D 190 -4.95 26.57 -1.08
C GLY D 190 -5.67 25.44 -0.38
N SER D 191 -5.91 24.35 -1.11
CA SER D 191 -6.57 23.18 -0.53
C SER D 191 -5.79 21.90 -0.82
N THR D 192 -5.54 21.11 0.21
CA THR D 192 -4.78 19.89 0.05
C THR D 192 -5.48 18.80 0.82
N TYR D 193 -5.28 17.56 0.40
CA TYR D 193 -6.01 16.44 0.98
C TYR D 193 -5.05 15.27 1.00
N TYR D 194 -5.11 14.45 2.06
CA TYR D 194 -4.19 13.33 2.24
C TYR D 194 -4.90 12.07 2.67
N ALA D 195 -4.32 10.93 2.37
CA ALA D 195 -4.88 9.68 2.87
C ALA D 195 -4.32 9.44 4.26
N ASP D 196 -5.09 8.79 5.13
CA ASP D 196 -4.67 8.57 6.52
C ASP D 196 -3.23 8.08 6.51
N SER D 197 -3.01 6.94 5.87
CA SER D 197 -1.69 6.37 5.57
C SER D 197 -0.51 7.34 5.72
N VAL D 198 -0.63 8.48 5.06
CA VAL D 198 0.50 9.39 4.89
C VAL D 198 0.29 10.74 5.54
N LYS D 199 -0.85 10.90 6.22
CA LYS D 199 -1.20 12.17 6.84
C LYS D 199 -0.05 12.72 7.68
N GLY D 200 0.38 13.94 7.39
CA GLY D 200 1.42 14.60 8.16
C GLY D 200 2.87 14.23 7.80
N ARG D 201 3.06 13.09 7.14
CA ARG D 201 4.39 12.71 6.67
C ARG D 201 4.64 13.25 5.29
N PHE D 202 3.63 13.11 4.44
CA PHE D 202 3.72 13.61 3.08
C PHE D 202 3.12 15.01 2.99
N THR D 203 3.66 15.80 2.07
CA THR D 203 3.21 17.15 1.84
C THR D 203 3.22 17.47 0.34
N ILE D 204 2.01 17.65 -0.18
CA ILE D 204 1.81 17.93 -1.60
C ILE D 204 1.91 19.44 -1.84
N SER D 205 2.66 19.77 -2.90
CA SER D 205 3.08 21.12 -3.22
C SER D 205 2.80 21.42 -4.66
N ARG D 206 3.00 22.67 -5.05
CA ARG D 206 2.68 23.07 -6.40
C ARG D 206 3.39 24.37 -6.72
N ASP D 207 4.01 24.44 -7.88
CA ASP D 207 4.53 25.72 -8.35
C ASP D 207 4.03 25.97 -9.76
N ASN D 208 3.00 26.80 -9.86
CA ASN D 208 2.31 27.00 -11.12
C ASN D 208 3.09 27.85 -12.10
N SER D 209 4.13 28.52 -11.60
CA SER D 209 5.04 29.27 -12.47
C SER D 209 6.03 28.34 -13.19
N LYS D 210 6.20 27.12 -12.68
CA LYS D 210 7.13 26.15 -13.25
C LYS D 210 6.44 24.85 -13.65
N ASN D 211 5.11 24.84 -13.60
CA ASN D 211 4.36 23.68 -14.06
C ASN D 211 4.76 22.37 -13.41
N THR D 212 5.06 22.46 -12.11
CA THR D 212 5.49 21.27 -11.38
C THR D 212 4.63 21.03 -10.15
N LEU D 213 4.30 19.75 -9.96
CA LEU D 213 3.66 19.28 -8.74
C LEU D 213 4.73 18.57 -7.93
N TYR D 214 4.72 18.75 -6.62
CA TYR D 214 5.69 18.05 -5.77
C TYR D 214 5.01 17.15 -4.78
N LEU D 215 5.82 16.38 -4.06
CA LEU D 215 5.33 15.54 -3.00
C LEU D 215 6.52 15.28 -2.11
N GLN D 216 6.56 15.95 -0.97
CA GLN D 216 7.63 15.72 0.00
C GLN D 216 7.26 14.48 0.81
N MET D 217 8.10 13.46 0.79
CA MET D 217 7.85 12.27 1.61
C MET D 217 8.87 12.18 2.74
N ASN D 218 8.37 12.22 3.96
CA ASN D 218 9.23 12.17 5.12
C ASN D 218 8.90 10.98 6.01
N SER D 219 9.83 10.62 6.89
CA SER D 219 9.63 9.47 7.76
C SER D 219 9.12 8.30 6.93
N LEU D 220 9.85 7.95 5.88
CA LEU D 220 9.38 6.93 4.96
C LEU D 220 9.29 5.57 5.63
N ARG D 221 8.37 4.74 5.16
CA ARG D 221 8.19 3.41 5.71
C ARG D 221 8.32 2.42 4.57
N ALA D 222 8.44 1.14 4.89
CA ALA D 222 8.63 0.15 3.85
C ALA D 222 7.32 -0.02 3.05
N GLU D 223 6.21 0.34 3.67
CA GLU D 223 4.93 0.21 3.03
C GLU D 223 4.73 1.33 2.01
N ASP D 224 5.58 2.34 2.05
CA ASP D 224 5.47 3.44 1.09
C ASP D 224 6.01 3.02 -0.27
N THR D 225 6.65 1.86 -0.31
CA THR D 225 7.26 1.35 -1.52
C THR D 225 6.23 1.13 -2.62
N ALA D 226 6.48 1.69 -3.80
CA ALA D 226 5.48 1.68 -4.86
C ALA D 226 5.88 2.58 -6.00
N VAL D 227 5.26 2.35 -7.15
CA VAL D 227 5.34 3.32 -8.24
C VAL D 227 4.39 4.47 -7.92
N TYR D 228 4.86 5.70 -8.04
CA TYR D 228 4.03 6.87 -7.80
C TYR D 228 3.63 7.57 -9.10
N TYR D 229 2.33 7.60 -9.36
CA TYR D 229 1.80 8.33 -10.51
C TYR D 229 1.28 9.71 -10.10
N CYS D 230 1.58 10.73 -10.89
CA CYS D 230 0.83 11.96 -10.72
C CYS D 230 -0.33 11.89 -11.70
N ALA D 231 -1.43 12.58 -11.40
CA ALA D 231 -2.61 12.51 -12.26
C ALA D 231 -3.37 13.83 -12.26
N ARG D 232 -3.97 14.15 -13.40
CA ARG D 232 -4.65 15.42 -13.57
C ARG D 232 -6.15 15.22 -13.35
N TYR D 233 -6.69 15.97 -12.39
CA TYR D 233 -8.11 15.92 -12.10
C TYR D 233 -8.87 16.79 -13.09
N ILE D 234 -9.97 16.26 -13.62
CA ILE D 234 -10.91 17.08 -14.36
C ILE D 234 -11.89 17.80 -13.45
N ASP D 235 -11.91 19.13 -13.52
CA ASP D 235 -12.93 19.93 -12.86
C ASP D 235 -12.99 19.79 -11.34
N PHE D 236 -14.04 19.15 -10.83
CA PHE D 236 -14.29 19.05 -9.40
C PHE D 236 -13.54 17.90 -8.75
N GLY D 237 -12.65 17.30 -9.51
CA GLY D 237 -11.84 16.19 -9.01
C GLY D 237 -12.60 14.87 -8.93
N ASP D 238 -13.68 14.74 -9.67
CA ASP D 238 -14.43 13.50 -9.58
C ASP D 238 -13.77 12.39 -10.37
N HIS D 239 -12.88 12.78 -11.28
CA HIS D 239 -12.10 11.82 -12.04
C HIS D 239 -10.85 12.45 -12.62
N MET D 240 -9.90 11.61 -12.98
CA MET D 240 -8.63 12.06 -13.52
C MET D 240 -8.47 11.42 -14.88
N ASP D 241 -8.29 12.24 -15.90
CA ASP D 241 -8.27 11.78 -17.30
C ASP D 241 -6.87 11.39 -17.76
N PHE D 242 -5.88 11.86 -17.05
CA PHE D 242 -4.50 11.71 -17.44
C PHE D 242 -3.51 11.35 -16.35
N TRP D 243 -2.63 10.40 -16.65
CA TRP D 243 -1.66 9.86 -15.73
C TRP D 243 -0.27 9.96 -16.33
N GLY D 244 0.75 10.17 -15.49
CA GLY D 244 2.13 10.02 -15.92
C GLY D 244 2.50 8.54 -16.02
N GLN D 245 3.76 8.25 -16.30
CA GLN D 245 4.17 6.86 -16.41
C GLN D 245 4.65 6.28 -15.09
N GLY D 246 4.93 7.16 -14.13
CA GLY D 246 5.25 6.75 -12.77
C GLY D 246 6.73 6.84 -12.41
N THR D 247 7.02 7.06 -11.14
CA THR D 247 8.40 6.96 -10.67
C THR D 247 8.49 5.94 -9.54
N LEU D 248 9.51 5.09 -9.58
CA LEU D 248 9.57 4.01 -8.61
C LEU D 248 10.26 4.46 -7.32
N VAL D 249 9.59 4.19 -6.20
CA VAL D 249 10.11 4.51 -4.88
C VAL D 249 10.18 3.26 -4.01
N THR D 250 11.39 2.90 -3.62
CA THR D 250 11.60 1.69 -2.83
C THR D 250 12.20 2.03 -1.47
N VAL D 251 11.64 1.46 -0.40
CA VAL D 251 12.13 1.65 0.96
C VAL D 251 12.54 0.31 1.56
N SER D 252 13.84 0.11 1.74
CA SER D 252 14.36 -1.16 2.25
C SER D 252 15.49 -0.87 3.24
N SER D 253 15.63 -1.73 4.25
CA SER D 253 16.70 -1.59 5.22
C SER D 253 18.04 -1.90 4.59
N LEU D 254 17.98 -2.49 3.40
CA LEU D 254 19.20 -2.80 2.67
C LEU D 254 19.92 -1.53 2.18
N GLU D 255 21.04 -1.73 1.47
CA GLU D 255 22.01 -0.67 1.17
C GLU D 255 22.45 -0.60 -0.30
#